data_3ENS
#
_entry.id   3ENS
#
_cell.length_a   62.311
_cell.length_b   78.861
_cell.length_c   73.850
_cell.angle_alpha   90.00
_cell.angle_beta   102.82
_cell.angle_gamma   90.00
#
_symmetry.space_group_name_H-M   'P 1 21 1'
#
loop_
_entity.id
_entity.type
_entity.pdbx_description
1 polymer 'Factor X light chain'
2 polymer 'Activated factor Xa heavy chain'
3 non-polymer GLYCEROL
4 non-polymer 'methyl (2Z)-3-[(3-chloro-1H-indol-7-yl)amino]-2-cyano-3-{[(3S)-2-oxo-1-(2-oxo-2-pyrrolidin-1-ylethyl)azepan-3-yl]amino}acrylate'
5 non-polymer 'CALCIUM ION'
6 non-polymer 'SODIUM ION'
7 non-polymer '2-(N-MORPHOLINO)-ETHANESULFONIC ACID'
8 non-polymer 'ACETATE ION'
9 water water
#
loop_
_entity_poly.entity_id
_entity_poly.type
_entity_poly.pdbx_seq_one_letter_code
_entity_poly.pdbx_strand_id
1 'polypeptide(L)'
;KDGDQCETSPCQNQGKCKDGLGEYTCTCLEGFEGKNCELFTRKLCSLDNGDCDQFCHEEQNSVVCSCARGYTLADNGKAC
IPTGPYPCGKQTLE
;
A,C
2 'polypeptide(L)'
;IVGGQECKDGECPWQALLINEENEGFCGGTILSEFYILTAAHCLYQAKRFKVRVGDRNTEQEEGGEAVHEVEVVIKHNRF
TKETYDFDIAVLRLKTPITFRMNVAPACLPERDWAESTLMTQKTGIVSGFGRTHEKGRQSTRLKMLEVPYVDRNSCKLSS
SFIITQNMFCAGYDTKQEDACQGDSGGPHVTRFKDTYFVTGIVSWGEGCARKGKYGIYTKVTAFLKWIDRSMKTRGLP
;
B,D
#
loop_
_chem_comp.id
_chem_comp.type
_chem_comp.name
_chem_comp.formula
ACT non-polymer 'ACETATE ION' 'C2 H3 O2 -1'
CA non-polymer 'CALCIUM ION' 'Ca 2'
ENS non-polymer 'methyl (2Z)-3-[(3-chloro-1H-indol-7-yl)amino]-2-cyano-3-{[(3S)-2-oxo-1-(2-oxo-2-pyrrolidin-1-ylethyl)azepan-3-yl]amino}acrylate' 'C25 H29 Cl N6 O4'
GOL non-polymer GLYCEROL 'C3 H8 O3'
MES non-polymer '2-(N-MORPHOLINO)-ETHANESULFONIC ACID' 'C6 H13 N O4 S'
NA non-polymer 'SODIUM ION' 'Na 1'
#
# COMPACT_ATOMS: atom_id res chain seq x y z
N CYS A 6 35.08 9.71 15.00
CA CYS A 6 35.20 10.17 13.61
C CYS A 6 36.27 9.38 12.86
N SER A 9 35.84 7.00 11.01
CA SER A 9 35.11 7.55 9.87
C SER A 9 33.69 7.01 9.78
N PRO A 10 32.70 7.80 10.22
CA PRO A 10 31.30 7.43 10.13
C PRO A 10 30.58 8.17 9.00
N CYS A 11 30.82 9.48 8.88
CA CYS A 11 30.14 10.30 7.89
C CYS A 11 30.28 9.76 6.47
N GLN A 12 29.24 9.99 5.66
CA GLN A 12 29.17 9.45 4.31
C GLN A 12 29.14 10.56 3.28
N ASN A 13 29.28 10.17 2.01
CA ASN A 13 29.22 11.10 0.87
C ASN A 13 30.03 12.38 1.09
N GLN A 14 31.21 12.24 1.66
CA GLN A 14 32.14 13.35 1.85
C GLN A 14 31.57 14.46 2.73
N GLY A 15 30.69 14.11 3.66
CA GLY A 15 30.23 15.04 4.67
C GLY A 15 31.30 15.17 5.73
N LYS A 16 31.15 16.14 6.62
CA LYS A 16 32.16 16.39 7.65
C LYS A 16 31.80 15.76 8.98
N CYS A 17 32.78 15.16 9.64
CA CYS A 17 32.57 14.50 10.93
C CYS A 17 33.20 15.28 12.08
N LYS A 18 32.36 15.83 12.96
CA LYS A 18 32.85 16.58 14.11
C LYS A 18 32.52 15.89 15.44
N ASP A 19 33.54 15.35 16.09
CA ASP A 19 33.39 14.71 17.39
C ASP A 19 32.92 15.70 18.46
N GLU A 23 30.73 10.40 20.82
CA GLU A 23 29.87 10.38 19.65
C GLU A 23 30.34 11.35 18.58
N TYR A 24 29.44 11.73 17.67
CA TYR A 24 29.80 12.62 16.58
C TYR A 24 28.60 13.35 15.99
N THR A 25 28.87 14.22 15.03
CA THR A 25 27.83 14.89 14.27
C THR A 25 28.31 15.11 12.85
N CYS A 26 27.42 14.98 11.88
CA CYS A 26 27.80 15.09 10.49
C CYS A 26 27.23 16.34 9.82
N THR A 27 28.12 17.15 9.28
CA THR A 27 27.72 18.30 8.49
C THR A 27 27.82 17.91 7.02
N CYS A 28 26.68 17.74 6.38
CA CYS A 28 26.63 17.22 5.03
C CYS A 28 26.86 18.31 3.99
N LEU A 29 27.28 17.90 2.80
CA LEU A 29 27.31 18.79 1.64
C LEU A 29 25.87 18.95 1.17
N GLU A 30 25.63 19.95 0.33
CA GLU A 30 24.31 20.10 -0.27
C GLU A 30 23.93 18.83 -1.00
N GLY A 31 22.67 18.45 -0.91
CA GLY A 31 22.18 17.28 -1.65
C GLY A 31 22.12 16.01 -0.82
N PHE A 32 22.71 16.05 0.37
CA PHE A 32 22.69 14.89 1.24
C PHE A 32 22.14 15.26 2.61
N GLU A 33 21.49 14.30 3.24
CA GLU A 33 20.98 14.47 4.60
C GLU A 33 20.97 13.13 5.32
N GLY A 34 20.36 13.11 6.50
CA GLY A 34 20.42 11.95 7.35
C GLY A 34 21.57 12.12 8.31
N LYS A 35 21.52 11.40 9.43
CA LYS A 35 22.54 11.50 10.46
C LYS A 35 23.95 11.35 9.91
N ASN A 36 24.09 10.53 8.86
CA ASN A 36 25.41 10.29 8.27
C ASN A 36 25.52 10.75 6.82
N CYS A 37 24.62 11.64 6.41
CA CYS A 37 24.61 12.13 5.04
C CYS A 37 24.51 10.97 4.05
N GLU A 38 23.77 9.94 4.42
CA GLU A 38 23.69 8.73 3.60
C GLU A 38 22.46 8.71 2.71
N LEU A 39 21.65 9.76 2.78
CA LEU A 39 20.40 9.83 2.02
C LEU A 39 20.45 11.03 1.07
N PHE A 40 19.99 10.82 -0.16
CA PHE A 40 19.92 11.90 -1.13
C PHE A 40 18.69 12.75 -0.89
N THR A 41 18.84 14.07 -1.03
CA THR A 41 17.70 14.99 -0.98
C THR A 41 17.05 15.06 -2.35
N ARG A 42 17.88 15.25 -3.38
CA ARG A 42 17.42 15.29 -4.76
C ARG A 42 16.73 13.98 -5.11
N LYS A 43 15.40 14.01 -5.16
CA LYS A 43 14.64 12.83 -5.53
C LYS A 43 13.67 13.14 -6.66
N LEU A 44 13.11 12.10 -7.26
CA LEU A 44 12.14 12.24 -8.32
C LEU A 44 10.73 12.14 -7.74
N CYS A 45 9.73 12.35 -8.59
CA CYS A 45 8.35 12.40 -8.13
C CYS A 45 7.90 11.06 -7.53
N SER A 46 8.60 9.99 -7.89
CA SER A 46 8.26 8.65 -7.43
C SER A 46 8.40 8.50 -5.92
N LEU A 47 9.14 9.41 -5.29
CA LEU A 47 9.44 9.31 -3.87
C LEU A 47 9.12 10.60 -3.13
N ASP A 48 8.32 10.50 -2.08
CA ASP A 48 7.91 11.66 -1.30
C ASP A 48 7.35 12.75 -2.20
N ASN A 49 6.83 12.36 -3.36
CA ASN A 49 6.23 13.32 -4.28
C ASN A 49 7.20 14.46 -4.60
N GLY A 50 8.49 14.15 -4.64
CA GLY A 50 9.52 15.14 -4.90
C GLY A 50 9.55 16.27 -3.87
N ASP A 51 8.88 16.06 -2.74
CA ASP A 51 8.77 17.09 -1.70
C ASP A 51 7.87 18.25 -2.13
N CYS A 52 7.10 18.05 -3.19
CA CYS A 52 6.12 19.05 -3.59
C CYS A 52 4.89 18.90 -2.69
N ASP A 53 4.23 20.03 -2.42
CA ASP A 53 3.02 19.98 -1.62
C ASP A 53 1.86 19.49 -2.48
N GLN A 54 1.91 19.79 -3.77
CA GLN A 54 0.86 19.38 -4.68
C GLN A 54 1.42 18.64 -5.90
N PHE A 55 1.36 19.25 -7.07
CA PHE A 55 1.78 18.54 -8.28
C PHE A 55 3.28 18.42 -8.41
N CYS A 56 3.72 17.27 -8.89
CA CYS A 56 5.11 17.00 -9.15
C CYS A 56 5.22 16.45 -10.57
N HIS A 57 6.19 16.95 -11.32
CA HIS A 57 6.46 16.42 -12.65
C HIS A 57 7.91 16.70 -12.99
N GLU A 58 8.52 15.80 -13.76
CA GLU A 58 9.95 15.89 -14.01
C GLU A 58 10.32 16.72 -15.23
N GLU A 59 11.51 17.29 -15.18
CA GLU A 59 11.97 18.19 -16.22
C GLU A 59 13.49 18.11 -16.25
N GLN A 60 14.02 17.24 -17.12
CA GLN A 60 15.46 17.04 -17.21
C GLN A 60 15.99 16.37 -15.94
N ASN A 61 15.49 15.17 -15.64
CA ASN A 61 15.89 14.48 -14.42
C ASN A 61 15.74 15.38 -13.21
N SER A 62 14.93 16.44 -13.37
CA SER A 62 14.75 17.43 -12.31
C SER A 62 13.27 17.50 -11.94
N VAL A 63 13.01 17.71 -10.66
CA VAL A 63 11.63 17.84 -10.20
C VAL A 63 11.17 19.28 -10.25
N VAL A 64 9.99 19.50 -10.83
CA VAL A 64 9.35 20.80 -10.86
C VAL A 64 7.94 20.68 -10.26
N CYS A 65 7.70 21.40 -9.16
CA CYS A 65 6.41 21.36 -8.48
C CYS A 65 5.47 22.42 -9.01
N SER A 66 4.18 22.11 -9.02
CA SER A 66 3.19 23.13 -9.34
C SER A 66 1.97 22.99 -8.45
N CYS A 67 1.00 23.88 -8.63
CA CYS A 67 -0.18 23.94 -7.78
C CYS A 67 -1.47 24.04 -8.59
N ALA A 68 -2.58 23.76 -7.94
CA ALA A 68 -3.88 23.86 -8.57
C ALA A 68 -4.40 25.31 -8.57
N ARG A 69 -5.61 25.49 -9.11
CA ARG A 69 -6.25 26.79 -9.24
C ARG A 69 -6.37 27.53 -7.92
N GLY A 70 -6.02 28.83 -7.92
CA GLY A 70 -6.13 29.61 -6.71
C GLY A 70 -5.09 29.30 -5.65
N TYR A 71 -4.02 28.63 -6.09
CA TYR A 71 -2.80 28.54 -5.28
C TYR A 71 -1.67 29.14 -6.11
N THR A 72 -0.60 29.52 -5.44
CA THR A 72 0.59 30.01 -6.13
C THR A 72 1.79 29.31 -5.54
N LEU A 73 2.78 29.03 -6.38
CA LEU A 73 3.92 28.25 -5.93
C LEU A 73 4.82 29.12 -5.05
N ALA A 74 5.01 28.72 -3.79
CA ALA A 74 5.89 29.48 -2.91
C ALA A 74 7.22 29.70 -3.60
N ASP A 75 7.92 30.78 -3.25
CA ASP A 75 9.19 31.10 -3.88
C ASP A 75 10.23 29.99 -3.69
N ASN A 76 9.98 29.10 -2.73
CA ASN A 76 10.86 27.95 -2.50
C ASN A 76 10.65 26.83 -3.52
N GLY A 77 9.70 27.04 -4.43
CA GLY A 77 9.44 26.09 -5.51
C GLY A 77 8.78 24.78 -5.12
N LYS A 78 8.34 24.65 -3.86
CA LYS A 78 7.73 23.41 -3.39
C LYS A 78 6.34 23.57 -2.77
N ALA A 79 6.20 24.49 -1.81
CA ALA A 79 4.90 24.66 -1.15
C ALA A 79 3.89 25.37 -2.04
N CYS A 80 2.62 25.32 -1.63
CA CYS A 80 1.54 25.95 -2.38
C CYS A 80 0.78 26.97 -1.51
N ILE A 81 0.73 28.22 -1.97
CA ILE A 81 0.11 29.30 -1.21
C ILE A 81 -1.28 29.65 -1.72
N PRO A 82 -2.30 29.48 -0.87
CA PRO A 82 -3.67 29.86 -1.23
C PRO A 82 -3.77 31.36 -1.57
N THR A 83 -4.73 31.71 -2.42
CA THR A 83 -4.96 33.09 -2.79
C THR A 83 -6.23 33.63 -2.12
N GLY A 84 -6.77 32.88 -1.16
CA GLY A 84 -8.01 33.26 -0.52
C GLY A 84 -8.47 32.24 0.52
N PRO A 85 -9.57 32.55 1.22
CA PRO A 85 -10.12 31.73 2.31
C PRO A 85 -10.66 30.39 1.81
N TYR A 86 -10.96 30.30 0.51
CA TYR A 86 -11.58 29.09 -0.03
C TYR A 86 -10.83 28.47 -1.21
N PRO A 87 -9.56 28.08 -0.99
CA PRO A 87 -8.79 27.43 -2.06
C PRO A 87 -9.42 26.08 -2.39
N CYS A 88 -9.12 25.51 -3.55
CA CYS A 88 -9.72 24.23 -3.91
C CYS A 88 -9.15 23.14 -3.02
N GLY A 89 -9.95 22.10 -2.79
CA GLY A 89 -9.49 20.89 -2.14
C GLY A 89 -9.40 20.95 -0.62
N LYS A 90 -9.83 22.05 -0.02
CA LYS A 90 -9.76 22.18 1.41
C LYS A 90 -11.16 22.19 2.03
N GLN A 91 -11.39 21.30 2.97
CA GLN A 91 -12.62 21.35 3.73
C GLN A 91 -12.73 22.72 4.41
N THR A 92 -13.92 23.29 4.43
CA THR A 92 -14.11 24.62 5.00
C THR A 92 -14.16 24.58 6.53
N LEU A 93 -13.19 25.25 7.14
CA LEU A 93 -13.15 25.41 8.59
C LEU A 93 -14.20 26.43 9.03
N GLU A 94 -14.37 27.50 8.24
CA GLU A 94 -15.31 28.57 8.57
C GLU A 94 -15.92 29.22 7.33
N ILE B 1 -25.88 7.00 -0.55
CA ILE B 1 -24.76 6.27 0.04
C ILE B 1 -25.23 5.15 0.97
N VAL B 2 -24.73 3.94 0.72
CA VAL B 2 -24.99 2.81 1.60
C VAL B 2 -23.83 2.68 2.59
N GLY B 3 -24.14 2.65 3.88
CA GLY B 3 -23.11 2.67 4.92
C GLY B 3 -22.48 4.04 5.05
N GLY B 4 -21.18 4.09 5.33
CA GLY B 4 -20.48 5.35 5.49
C GLY B 4 -21.14 6.26 6.51
N GLN B 5 -20.78 7.54 6.53
CA GLN B 5 -21.31 8.46 7.51
C GLN B 5 -21.91 9.72 6.88
N GLU B 6 -22.73 10.42 7.67
CA GLU B 6 -23.21 11.74 7.31
C GLU B 6 -22.01 12.69 7.28
N CYS B 7 -22.09 13.73 6.45
CA CYS B 7 -21.03 14.72 6.35
C CYS B 7 -21.17 15.80 7.43
N LYS B 8 -20.08 16.07 8.14
CA LYS B 8 -20.08 17.13 9.12
C LYS B 8 -19.91 18.48 8.44
N ASP B 9 -20.08 19.54 9.20
CA ASP B 9 -20.02 20.89 8.66
C ASP B 9 -18.68 21.16 7.96
N GLY B 10 -18.74 21.52 6.68
CA GLY B 10 -17.54 21.85 5.92
C GLY B 10 -16.69 20.67 5.51
N GLU B 11 -17.22 19.45 5.66
CA GLU B 11 -16.45 18.27 5.37
C GLU B 11 -16.50 17.90 3.88
N CYS B 12 -17.59 18.23 3.20
CA CYS B 12 -17.73 17.92 1.78
C CYS B 12 -18.27 19.13 1.02
N PRO B 13 -17.47 20.20 0.91
CA PRO B 13 -17.97 21.50 0.44
C PRO B 13 -18.18 21.57 -1.08
N TRP B 14 -17.64 20.59 -1.81
CA TRP B 14 -17.70 20.61 -3.27
C TRP B 14 -18.95 19.91 -3.80
N GLN B 15 -19.73 19.33 -2.90
CA GLN B 15 -20.94 18.60 -3.27
C GLN B 15 -21.99 19.56 -3.81
N ALA B 16 -22.53 19.25 -4.99
CA ALA B 16 -23.66 19.97 -5.54
C ALA B 16 -24.79 18.97 -5.63
N LEU B 17 -26.01 19.48 -5.78
CA LEU B 17 -27.17 18.62 -5.93
C LEU B 17 -28.03 19.11 -7.09
N LEU B 18 -28.31 18.24 -8.05
CA LEU B 18 -29.18 18.61 -9.15
C LEU B 18 -30.63 18.37 -8.75
N ILE B 19 -31.43 19.42 -8.82
CA ILE B 19 -32.83 19.34 -8.44
C ILE B 19 -33.71 19.55 -9.66
N ASN B 20 -34.77 18.74 -9.76
CA ASN B 20 -35.62 18.78 -10.93
C ASN B 20 -36.70 19.82 -10.80
N GLU B 21 -37.71 19.72 -11.66
CA GLU B 21 -38.85 20.63 -11.67
C GLU B 21 -39.50 20.72 -10.30
N GLU B 22 -39.67 19.58 -9.65
CA GLU B 22 -40.33 19.51 -8.34
C GLU B 22 -39.43 19.88 -7.16
N ASN B 23 -38.35 20.60 -7.43
CA ASN B 23 -37.42 20.95 -6.37
C ASN B 23 -36.85 19.71 -5.69
N GLU B 24 -36.76 18.63 -6.44
CA GLU B 24 -36.31 17.36 -5.88
C GLU B 24 -34.95 16.96 -6.45
N GLY B 25 -34.03 16.62 -5.57
CA GLY B 25 -32.71 16.16 -5.95
C GLY B 25 -32.79 14.82 -6.67
N PHE B 26 -32.00 14.65 -7.71
CA PHE B 26 -32.06 13.44 -8.51
C PHE B 26 -30.68 12.94 -8.95
N CYS B 27 -29.69 13.82 -8.93
CA CYS B 27 -28.30 13.47 -9.22
C CYS B 27 -27.38 14.37 -8.42
N GLY B 28 -26.14 13.94 -8.23
CA GLY B 28 -25.14 14.76 -7.57
C GLY B 28 -24.27 15.52 -8.56
N GLY B 29 -23.35 16.31 -8.03
CA GLY B 29 -22.41 17.04 -8.84
C GLY B 29 -21.23 17.48 -7.98
N THR B 30 -20.19 17.96 -8.62
CA THR B 30 -19.01 18.43 -7.91
C THR B 30 -18.72 19.89 -8.30
N ILE B 31 -18.49 20.73 -7.30
CA ILE B 31 -18.15 22.11 -7.60
C ILE B 31 -16.73 22.21 -8.09
N LEU B 32 -16.54 22.73 -9.31
CA LEU B 32 -15.17 22.89 -9.83
C LEU B 32 -14.66 24.32 -9.65
N SER B 33 -15.57 25.28 -9.71
CA SER B 33 -15.23 26.69 -9.48
C SER B 33 -16.51 27.50 -9.25
N GLU B 34 -16.41 28.83 -9.27
CA GLU B 34 -17.61 29.64 -9.01
C GLU B 34 -18.63 29.51 -10.14
N PHE B 35 -18.19 29.01 -11.31
CA PHE B 35 -19.08 28.91 -12.46
C PHE B 35 -19.36 27.50 -13.01
N TYR B 36 -18.52 26.52 -12.69
CA TYR B 36 -18.69 25.19 -13.28
C TYR B 36 -18.97 24.05 -12.31
N ILE B 37 -19.96 23.25 -12.67
CA ILE B 37 -20.27 22.02 -11.95
C ILE B 37 -19.90 20.81 -12.80
N LEU B 38 -19.30 19.79 -12.18
CA LEU B 38 -19.05 18.52 -12.86
C LEU B 38 -20.11 17.49 -12.47
N THR B 39 -20.72 16.84 -13.45
CA THR B 39 -21.70 15.80 -13.22
C THR B 39 -21.60 14.69 -14.29
N ALA B 40 -22.52 13.74 -14.24
CA ALA B 40 -22.56 12.65 -15.23
C ALA B 40 -23.49 13.01 -16.40
N ALA B 41 -23.09 12.59 -17.60
CA ALA B 41 -23.90 12.84 -18.79
C ALA B 41 -25.29 12.24 -18.69
N HIS B 42 -25.40 11.02 -18.16
CA HIS B 42 -26.71 10.36 -18.14
C HIS B 42 -27.73 11.08 -17.25
N CYS B 43 -27.25 11.83 -16.26
CA CYS B 43 -28.14 12.63 -15.41
C CYS B 43 -28.93 13.69 -16.19
N LEU B 44 -28.31 14.27 -17.22
CA LEU B 44 -28.98 15.27 -18.05
C LEU B 44 -30.32 14.78 -18.63
N TYR B 45 -30.41 13.47 -18.87
CA TYR B 45 -31.59 12.89 -19.50
C TYR B 45 -32.64 12.47 -18.49
N GLN B 46 -32.47 12.85 -17.23
CA GLN B 46 -33.34 12.34 -16.19
C GLN B 46 -34.21 13.39 -15.50
N ALA B 47 -34.37 14.53 -16.18
CA ALA B 47 -35.23 15.60 -15.69
C ALA B 47 -35.38 16.61 -16.82
N LYS B 48 -36.60 17.07 -17.06
CA LYS B 48 -36.82 17.99 -18.18
C LYS B 48 -36.17 19.35 -17.90
N ARG B 49 -36.36 19.84 -16.67
CA ARG B 49 -35.66 21.05 -16.22
C ARG B 49 -34.93 20.71 -14.95
N PHE B 50 -33.79 21.35 -14.73
CA PHE B 50 -33.06 21.13 -13.50
C PHE B 50 -32.15 22.31 -13.13
N LYS B 51 -32.01 22.53 -11.83
CA LYS B 51 -31.11 23.55 -11.33
C LYS B 51 -30.05 22.89 -10.45
N VAL B 52 -29.18 23.69 -9.86
CA VAL B 52 -28.09 23.19 -9.04
C VAL B 52 -28.10 23.87 -7.68
N ARG B 53 -28.25 23.07 -6.62
CA ARG B 53 -28.21 23.58 -5.27
C ARG B 53 -26.86 23.28 -4.65
N VAL B 54 -26.30 24.26 -3.95
CA VAL B 54 -25.04 24.10 -3.23
C VAL B 54 -25.23 24.47 -1.77
N GLY B 55 -24.44 23.85 -0.91
CA GLY B 55 -24.42 24.19 0.51
C GLY B 55 -25.56 23.55 1.28
N ASP B 56 -26.25 22.62 0.63
CA ASP B 56 -27.33 21.89 1.28
C ASP B 56 -26.74 20.74 2.09
N ARG B 57 -27.15 20.62 3.35
CA ARG B 57 -26.72 19.49 4.16
C ARG B 57 -27.90 18.63 4.58
N ASN B 58 -29.05 19.27 4.76
CA ASN B 58 -30.32 18.57 4.98
C ASN B 58 -31.38 19.13 4.04
N THR B 59 -31.97 18.27 3.23
CA THR B 59 -32.95 18.68 2.24
C THR B 59 -34.29 19.04 2.87
N GLU B 60 -34.57 18.45 4.04
CA GLU B 60 -35.83 18.67 4.72
C GLU B 60 -35.96 20.10 5.23
N GLN B 61 -34.88 20.62 5.79
CA GLN B 61 -34.91 21.96 6.37
C GLN B 61 -34.17 23.00 5.52
N GLU B 62 -34.88 24.05 5.13
CA GLU B 62 -34.26 25.21 4.52
C GLU B 62 -33.37 25.87 5.57
N GLU B 63 -32.24 25.22 5.88
CA GLU B 63 -31.39 25.63 6.99
C GLU B 63 -30.58 26.89 6.69
N GLY B 64 -30.93 27.58 5.62
CA GLY B 64 -30.14 28.69 5.15
C GLY B 64 -28.83 28.14 4.64
N GLY B 65 -27.92 29.03 4.22
CA GLY B 65 -26.64 28.59 3.69
C GLY B 65 -26.76 27.88 2.35
N GLU B 66 -27.92 27.30 2.07
CA GLU B 66 -28.18 26.70 0.77
C GLU B 66 -28.25 27.79 -0.29
N ALA B 67 -27.94 27.43 -1.53
CA ALA B 67 -28.04 28.38 -2.64
C ALA B 67 -28.34 27.62 -3.92
N VAL B 68 -29.27 28.17 -4.71
CA VAL B 68 -29.68 27.54 -5.94
C VAL B 68 -29.25 28.36 -7.14
N HIS B 69 -28.66 27.71 -8.13
CA HIS B 69 -28.13 28.40 -9.30
C HIS B 69 -28.73 27.85 -10.58
N GLU B 70 -29.03 28.75 -11.52
CA GLU B 70 -29.50 28.34 -12.83
C GLU B 70 -28.34 27.92 -13.71
N VAL B 71 -28.61 26.95 -14.58
CA VAL B 71 -27.62 26.48 -15.53
C VAL B 71 -27.70 27.34 -16.77
N GLU B 72 -26.61 27.98 -17.13
CA GLU B 72 -26.58 28.79 -18.34
C GLU B 72 -26.24 27.94 -19.56
N VAL B 73 -25.31 27.02 -19.39
CA VAL B 73 -24.84 26.20 -20.49
C VAL B 73 -24.55 24.78 -20.06
N VAL B 74 -25.24 23.82 -20.67
CA VAL B 74 -24.91 22.42 -20.42
C VAL B 74 -23.98 21.87 -21.49
N ILE B 75 -22.80 21.48 -21.05
CA ILE B 75 -21.77 20.96 -21.92
C ILE B 75 -21.66 19.44 -21.70
N LYS B 76 -22.34 18.68 -22.53
CA LYS B 76 -22.30 17.22 -22.46
C LYS B 76 -21.17 16.71 -23.35
N HIS B 77 -20.49 15.67 -22.90
CA HIS B 77 -19.48 15.06 -23.75
C HIS B 77 -20.19 14.48 -24.97
N ASN B 78 -19.78 14.88 -26.17
CA ASN B 78 -20.46 14.41 -27.37
C ASN B 78 -20.29 12.91 -27.61
N ARG B 79 -19.28 12.32 -26.99
CA ARG B 79 -19.06 10.88 -27.15
C ARG B 79 -19.82 10.04 -26.13
N PHE B 80 -20.63 10.65 -25.27
CA PHE B 80 -21.41 9.90 -24.30
C PHE B 80 -22.24 8.84 -25.01
N THR B 81 -22.17 7.60 -24.52
CA THR B 81 -22.84 6.51 -25.20
C THR B 81 -23.84 5.78 -24.31
N LYS B 82 -25.12 5.93 -24.66
CA LYS B 82 -26.25 5.52 -23.82
C LYS B 82 -26.25 4.04 -23.45
N GLU B 83 -25.86 3.17 -24.38
CA GLU B 83 -25.85 1.75 -24.07
C GLU B 83 -24.70 1.34 -23.12
N THR B 84 -23.57 2.03 -23.18
CA THR B 84 -22.42 1.65 -22.37
C THR B 84 -22.14 2.58 -21.18
N TYR B 85 -22.57 3.83 -21.29
CA TYR B 85 -22.22 4.88 -20.34
C TYR B 85 -20.75 5.26 -20.43
N ASP B 86 -20.15 4.95 -21.57
CA ASP B 86 -18.81 5.43 -21.86
C ASP B 86 -18.93 6.95 -22.03
N PHE B 87 -17.90 7.68 -21.63
CA PHE B 87 -17.93 9.13 -21.67
C PHE B 87 -19.10 9.70 -20.87
N ASP B 88 -19.35 9.12 -19.70
CA ASP B 88 -20.41 9.60 -18.84
C ASP B 88 -19.94 10.81 -18.01
N ILE B 89 -19.86 11.97 -18.67
CA ILE B 89 -19.37 13.17 -18.02
C ILE B 89 -19.98 14.39 -18.67
N ALA B 90 -20.17 15.44 -17.86
CA ALA B 90 -20.69 16.71 -18.36
C ALA B 90 -20.24 17.85 -17.45
N VAL B 91 -20.10 19.03 -18.03
CA VAL B 91 -19.81 20.24 -17.28
C VAL B 91 -21.00 21.16 -17.40
N LEU B 92 -21.37 21.81 -16.30
CA LEU B 92 -22.44 22.80 -16.35
C LEU B 92 -21.85 24.16 -16.04
N ARG B 93 -22.14 25.13 -16.90
CA ARG B 93 -21.82 26.51 -16.57
C ARG B 93 -23.05 27.19 -15.98
N LEU B 94 -22.85 27.88 -14.85
CA LEU B 94 -23.96 28.51 -14.13
C LEU B 94 -24.16 29.96 -14.56
N LYS B 95 -25.42 30.41 -14.57
CA LYS B 95 -25.75 31.79 -14.91
C LYS B 95 -25.16 32.78 -13.91
N THR B 96 -25.20 32.44 -12.63
CA THR B 96 -24.60 33.29 -11.60
C THR B 96 -23.52 32.58 -10.80
N PRO B 97 -22.53 33.35 -10.31
CA PRO B 97 -21.38 32.82 -9.59
C PRO B 97 -21.80 32.13 -8.30
N ILE B 98 -21.16 31.02 -7.97
CA ILE B 98 -21.31 30.46 -6.64
C ILE B 98 -20.47 31.31 -5.70
N THR B 99 -21.05 31.63 -4.56
CA THR B 99 -20.32 32.30 -3.49
C THR B 99 -19.72 31.25 -2.55
N PHE B 100 -18.39 31.16 -2.51
CA PHE B 100 -17.79 30.19 -1.61
C PHE B 100 -18.01 30.60 -0.16
N ARG B 101 -18.18 29.63 0.72
CA ARG B 101 -18.49 29.87 2.12
C ARG B 101 -18.32 28.57 2.87
N MET B 102 -18.74 28.55 4.12
CA MET B 102 -18.78 27.31 4.89
C MET B 102 -19.68 26.34 4.15
N ASN B 103 -19.14 25.16 3.85
CA ASN B 103 -19.86 24.10 3.13
C ASN B 103 -19.97 24.29 1.63
N VAL B 104 -19.29 25.30 1.10
CA VAL B 104 -19.40 25.64 -0.32
C VAL B 104 -18.03 26.05 -0.85
N ALA B 105 -17.36 25.08 -1.47
CA ALA B 105 -15.97 25.24 -1.94
C ALA B 105 -15.62 24.24 -3.04
N PRO B 106 -14.79 24.66 -3.99
CA PRO B 106 -14.42 23.81 -5.13
C PRO B 106 -13.46 22.71 -4.72
N ALA B 107 -13.58 21.54 -5.35
CA ALA B 107 -12.55 20.50 -5.25
C ALA B 107 -11.50 20.77 -6.33
N CYS B 108 -10.30 20.24 -6.14
CA CYS B 108 -9.21 20.50 -7.08
C CYS B 108 -9.19 19.54 -8.25
N LEU B 109 -9.01 20.09 -9.46
CA LEU B 109 -8.71 19.27 -10.62
C LEU B 109 -7.21 19.04 -10.63
N PRO B 110 -6.79 17.77 -10.66
CA PRO B 110 -5.37 17.41 -10.64
C PRO B 110 -4.74 17.47 -12.01
N GLU B 111 -3.42 17.62 -12.08
CA GLU B 111 -2.70 17.36 -13.32
C GLU B 111 -2.84 15.87 -13.64
N ARG B 112 -2.95 15.55 -14.92
CA ARG B 112 -3.27 14.19 -15.36
C ARG B 112 -2.25 13.14 -14.96
N ASP B 113 -1.01 13.34 -15.38
CA ASP B 113 0.05 12.36 -15.18
C ASP B 113 0.33 12.16 -13.70
N TRP B 114 0.36 13.26 -12.95
CA TRP B 114 0.54 13.20 -11.51
C TRP B 114 -0.58 12.40 -10.87
N ALA B 115 -1.82 12.68 -11.26
CA ALA B 115 -2.96 11.99 -10.68
C ALA B 115 -2.95 10.49 -11.01
N GLU B 116 -2.39 10.15 -12.17
CA GLU B 116 -2.27 8.75 -12.55
C GLU B 116 -1.30 8.05 -11.59
N SER B 117 -0.16 8.67 -11.36
CA SER B 117 0.88 8.09 -10.50
C SER B 117 0.62 8.24 -9.01
N THR B 118 -0.03 9.34 -8.62
CA THR B 118 -0.12 9.70 -7.21
C THR B 118 -1.51 9.56 -6.57
N LEU B 119 -2.56 9.77 -7.34
CA LEU B 119 -3.90 9.65 -6.77
C LEU B 119 -4.50 8.26 -6.99
N MET B 120 -4.45 7.78 -8.23
CA MET B 120 -5.06 6.50 -8.59
C MET B 120 -4.29 5.31 -8.02
N THR B 121 -3.19 5.56 -7.32
CA THR B 121 -2.40 4.47 -6.76
C THR B 121 -2.61 4.34 -5.25
N GLN B 122 -3.34 5.30 -4.68
CA GLN B 122 -3.68 5.26 -3.27
C GLN B 122 -4.69 4.15 -3.00
N LYS B 123 -4.86 3.82 -1.71
CA LYS B 123 -5.75 2.74 -1.33
C LYS B 123 -7.23 3.09 -1.52
N THR B 124 -7.61 4.29 -1.11
CA THR B 124 -9.02 4.64 -1.05
C THR B 124 -9.31 6.02 -1.64
N GLY B 125 -10.60 6.26 -1.89
CA GLY B 125 -11.08 7.56 -2.29
C GLY B 125 -12.37 7.82 -1.53
N ILE B 126 -12.94 9.00 -1.66
CA ILE B 126 -14.21 9.29 -1.02
C ILE B 126 -15.29 9.68 -2.04
N VAL B 127 -16.45 9.07 -1.86
CA VAL B 127 -17.63 9.35 -2.66
C VAL B 127 -18.71 9.85 -1.72
N SER B 128 -19.54 10.76 -2.20
CA SER B 128 -20.53 11.41 -1.36
C SER B 128 -21.80 11.67 -2.15
N GLY B 129 -22.92 11.87 -1.45
CA GLY B 129 -24.19 12.13 -2.10
C GLY B 129 -25.42 11.99 -1.22
N PHE B 130 -26.55 12.43 -1.75
CA PHE B 130 -27.83 12.35 -1.05
C PHE B 130 -28.61 11.10 -1.44
N GLY B 131 -27.91 10.11 -1.99
CA GLY B 131 -28.56 8.95 -2.56
C GLY B 131 -29.25 8.06 -1.55
N ARG B 132 -29.90 7.01 -2.05
CA ARG B 132 -30.54 6.01 -1.21
C ARG B 132 -29.53 5.47 -0.22
N THR B 133 -29.93 5.34 1.04
CA THR B 133 -29.05 4.75 2.05
C THR B 133 -29.17 3.23 2.06
N HIS B 134 -30.05 2.71 1.20
CA HIS B 134 -30.27 1.28 1.05
C HIS B 134 -30.80 1.02 -0.36
N GLU B 135 -30.34 -0.06 -1.00
CA GLU B 135 -30.83 -0.39 -2.35
C GLU B 135 -32.35 -0.52 -2.35
N LYS B 136 -32.88 -1.16 -1.31
CA LYS B 136 -34.33 -1.29 -1.14
C LYS B 136 -34.87 -0.12 -0.33
N GLY B 137 -34.00 0.86 -0.07
CA GLY B 137 -34.30 1.94 0.86
C GLY B 137 -34.78 3.24 0.25
N ARG B 138 -34.38 4.35 0.88
CA ARG B 138 -34.92 5.65 0.51
C ARG B 138 -33.86 6.75 0.51
N GLN B 139 -33.91 7.62 -0.49
CA GLN B 139 -32.92 8.70 -0.62
C GLN B 139 -32.70 9.47 0.68
N SER B 140 -31.44 9.59 1.05
CA SER B 140 -31.06 10.32 2.26
C SER B 140 -31.45 11.79 2.14
N THR B 141 -31.97 12.34 3.22
CA THR B 141 -32.24 13.77 3.28
C THR B 141 -30.97 14.52 3.71
N ARG B 142 -29.94 13.76 4.07
CA ARG B 142 -28.69 14.34 4.58
C ARG B 142 -27.49 13.88 3.76
N LEU B 143 -26.56 14.80 3.53
CA LEU B 143 -25.37 14.52 2.75
C LEU B 143 -24.51 13.48 3.44
N LYS B 144 -24.15 12.43 2.69
CA LYS B 144 -23.32 11.37 3.25
C LYS B 144 -22.05 11.18 2.45
N MET B 145 -21.01 10.68 3.13
CA MET B 145 -19.77 10.33 2.49
C MET B 145 -19.40 8.91 2.85
N LEU B 146 -18.43 8.35 2.14
CA LEU B 146 -18.11 6.95 2.26
C LEU B 146 -16.72 6.74 1.67
N GLU B 147 -15.81 6.18 2.46
CA GLU B 147 -14.49 5.83 1.96
C GLU B 147 -14.56 4.54 1.13
N VAL B 148 -14.10 4.62 -0.11
CA VAL B 148 -14.10 3.45 -0.98
C VAL B 148 -12.73 3.17 -1.55
N PRO B 149 -12.29 1.92 -1.40
CA PRO B 149 -11.03 1.40 -1.95
C PRO B 149 -11.05 1.40 -3.45
N TYR B 150 -9.89 1.67 -4.04
CA TYR B 150 -9.70 1.46 -5.46
C TYR B 150 -9.63 -0.04 -5.72
N VAL B 151 -10.34 -0.49 -6.75
CA VAL B 151 -10.28 -1.88 -7.18
C VAL B 151 -9.47 -1.92 -8.46
N ASP B 152 -8.49 -2.82 -8.52
CA ASP B 152 -7.66 -2.96 -9.71
C ASP B 152 -8.54 -3.30 -10.91
N ARG B 153 -8.11 -2.89 -12.10
CA ARG B 153 -8.94 -3.01 -13.29
C ARG B 153 -9.43 -4.43 -13.58
N ASN B 154 -8.52 -5.40 -13.53
CA ASN B 154 -8.89 -6.78 -13.84
C ASN B 154 -10.00 -7.27 -12.93
N SER B 155 -9.82 -7.09 -11.63
CA SER B 155 -10.87 -7.43 -10.69
C SER B 155 -12.16 -6.81 -11.18
N CYS B 156 -12.10 -5.50 -11.44
CA CYS B 156 -13.24 -4.72 -11.88
C CYS B 156 -13.96 -5.36 -13.06
N LYS B 157 -13.24 -5.53 -14.17
CA LYS B 157 -13.83 -6.11 -15.38
C LYS B 157 -14.48 -7.47 -15.14
N LEU B 158 -13.75 -8.37 -14.50
CA LEU B 158 -14.25 -9.72 -14.31
C LEU B 158 -15.43 -9.79 -13.33
N SER B 159 -15.50 -8.85 -12.40
CA SER B 159 -16.64 -8.79 -11.49
C SER B 159 -17.91 -8.31 -12.19
N SER B 160 -17.76 -7.79 -13.41
CA SER B 160 -18.85 -7.05 -14.05
C SER B 160 -19.56 -7.77 -15.19
N SER B 161 -20.88 -7.63 -15.22
CA SER B 161 -21.70 -8.18 -16.28
C SER B 161 -21.65 -7.31 -17.52
N PHE B 162 -21.14 -6.09 -17.38
CA PHE B 162 -21.12 -5.16 -18.49
C PHE B 162 -19.73 -4.63 -18.78
N ILE B 163 -19.58 -4.09 -19.98
CA ILE B 163 -18.30 -3.57 -20.43
C ILE B 163 -17.77 -2.46 -19.54
N ILE B 164 -16.58 -2.69 -18.98
CA ILE B 164 -15.86 -1.63 -18.30
C ILE B 164 -14.83 -1.03 -19.27
N THR B 165 -15.13 0.15 -19.82
CA THR B 165 -14.17 0.80 -20.72
C THR B 165 -13.01 1.38 -19.93
N GLN B 166 -11.99 1.81 -20.65
CA GLN B 166 -10.84 2.44 -20.04
C GLN B 166 -11.17 3.84 -19.48
N ASN B 167 -12.38 4.34 -19.78
CA ASN B 167 -12.83 5.60 -19.22
C ASN B 167 -13.64 5.40 -17.92
N MET B 168 -13.51 4.23 -17.32
CA MET B 168 -14.20 3.90 -16.07
C MET B 168 -13.26 3.19 -15.10
N PHE B 169 -13.61 3.23 -13.82
CA PHE B 169 -12.91 2.42 -12.83
C PHE B 169 -13.85 1.92 -11.73
N CYS B 170 -13.45 0.83 -11.08
CA CYS B 170 -14.22 0.23 -9.99
C CYS B 170 -13.74 0.77 -8.65
N ALA B 171 -14.68 0.91 -7.72
CA ALA B 171 -14.35 1.30 -6.36
C ALA B 171 -15.44 0.79 -5.43
N GLY B 172 -15.04 0.45 -4.20
CA GLY B 172 -15.96 -0.06 -3.21
C GLY B 172 -15.54 -1.38 -2.58
N TYR B 173 -16.53 -2.18 -2.17
CA TYR B 173 -16.25 -3.41 -1.44
C TYR B 173 -16.84 -4.61 -2.16
N ASP B 174 -16.30 -5.79 -1.87
CA ASP B 174 -16.76 -7.05 -2.44
C ASP B 174 -18.05 -7.50 -1.76
N THR B 175 -18.04 -7.54 -0.43
CA THR B 175 -19.18 -8.02 0.34
C THR B 175 -19.68 -7.01 1.39
N LYS B 176 -18.81 -6.13 1.86
CA LYS B 176 -19.22 -5.14 2.86
C LYS B 176 -20.42 -4.34 2.34
N GLN B 177 -21.36 -4.04 3.22
CA GLN B 177 -22.55 -3.30 2.82
C GLN B 177 -22.31 -1.79 2.81
N GLU B 178 -21.40 -1.36 1.93
CA GLU B 178 -21.14 0.05 1.70
C GLU B 178 -20.89 0.29 0.21
N ASP B 179 -21.57 1.28 -0.35
CA ASP B 179 -21.53 1.51 -1.78
C ASP B 179 -22.30 2.79 -2.06
N ALA B 180 -22.10 3.35 -3.25
CA ALA B 180 -22.94 4.44 -3.73
C ALA B 180 -24.25 3.82 -4.21
N CYS B 181 -25.25 4.66 -4.47
CA CYS B 181 -26.56 4.13 -4.81
C CYS B 181 -27.31 5.12 -5.70
N GLN B 182 -28.47 4.68 -6.20
CA GLN B 182 -29.34 5.53 -6.99
C GLN B 182 -29.57 6.87 -6.26
N GLY B 183 -29.31 7.96 -6.97
CA GLY B 183 -29.41 9.29 -6.41
C GLY B 183 -28.03 9.92 -6.26
N ASP B 184 -27.02 9.08 -6.07
CA ASP B 184 -25.64 9.55 -5.93
C ASP B 184 -25.02 9.88 -7.28
N SER B 185 -25.63 9.33 -8.33
CA SER B 185 -25.10 9.44 -9.69
C SER B 185 -24.72 10.88 -10.05
N GLY B 186 -23.57 11.04 -10.72
CA GLY B 186 -23.06 12.36 -11.05
C GLY B 186 -22.24 12.99 -9.93
N GLY B 187 -22.32 12.41 -8.73
CA GLY B 187 -21.66 12.94 -7.57
C GLY B 187 -20.15 12.79 -7.54
N PRO B 188 -19.50 13.39 -6.54
CA PRO B 188 -18.05 13.45 -6.41
C PRO B 188 -17.41 12.14 -6.00
N HIS B 189 -16.26 11.83 -6.60
CA HIS B 189 -15.35 10.85 -6.05
C HIS B 189 -14.03 11.60 -5.99
N VAL B 190 -13.50 11.79 -4.78
CA VAL B 190 -12.30 12.57 -4.61
C VAL B 190 -11.21 11.78 -3.91
N THR B 191 -9.96 12.21 -4.07
CA THR B 191 -8.84 11.52 -3.46
C THR B 191 -7.92 12.50 -2.72
N ARG B 192 -7.71 12.22 -1.45
CA ARG B 192 -6.90 13.06 -0.59
C ARG B 192 -5.41 12.93 -0.85
N PHE B 193 -4.70 14.05 -0.89
CA PHE B 193 -3.25 14.04 -0.84
C PHE B 193 -2.71 15.21 -0.03
N LYS B 194 -2.10 14.91 1.11
CA LYS B 194 -1.64 15.95 2.04
C LYS B 194 -2.73 16.96 2.38
N ASP B 195 -3.87 16.45 2.80
CA ASP B 195 -4.95 17.31 3.26
C ASP B 195 -5.61 18.16 2.19
N THR B 196 -5.39 17.80 0.92
CA THR B 196 -6.08 18.45 -0.17
C THR B 196 -6.82 17.40 -0.98
N TYR B 197 -8.05 17.73 -1.39
CA TYR B 197 -8.92 16.76 -2.05
C TYR B 197 -9.02 17.04 -3.55
N PHE B 198 -8.76 16.00 -4.34
CA PHE B 198 -8.74 16.15 -5.79
C PHE B 198 -9.83 15.30 -6.43
N VAL B 199 -10.48 15.85 -7.45
CA VAL B 199 -11.50 15.11 -8.19
C VAL B 199 -10.87 13.96 -8.95
N THR B 200 -11.38 12.75 -8.75
CA THR B 200 -10.80 11.58 -9.39
C THR B 200 -11.85 10.71 -10.08
N GLY B 201 -13.11 10.92 -9.75
CA GLY B 201 -14.21 10.22 -10.41
C GLY B 201 -15.57 10.91 -10.33
N ILE B 202 -16.48 10.45 -11.18
CA ILE B 202 -17.88 10.83 -11.14
C ILE B 202 -18.70 9.57 -10.93
N VAL B 203 -19.69 9.60 -10.05
CA VAL B 203 -20.52 8.41 -9.83
C VAL B 203 -21.30 8.10 -11.11
N SER B 204 -21.17 6.89 -11.63
CA SER B 204 -21.72 6.58 -12.95
C SER B 204 -22.81 5.50 -12.95
N TRP B 205 -22.46 4.30 -12.57
CA TRP B 205 -23.42 3.21 -12.53
C TRP B 205 -22.94 2.04 -11.69
N GLY B 206 -23.78 1.03 -11.60
CA GLY B 206 -23.48 -0.16 -10.82
C GLY B 206 -24.63 -1.14 -10.92
N GLU B 207 -24.35 -2.41 -10.65
CA GLU B 207 -25.39 -3.43 -10.63
C GLU B 207 -25.99 -3.52 -9.22
N GLY B 208 -27.00 -2.69 -8.97
CA GLY B 208 -27.61 -2.59 -7.67
C GLY B 208 -26.74 -1.74 -6.75
N CYS B 209 -26.98 -1.84 -5.45
CA CYS B 209 -26.16 -1.15 -4.47
C CYS B 209 -25.59 -2.12 -3.44
N ALA B 210 -24.27 -2.06 -3.24
CA ALA B 210 -23.60 -2.91 -2.27
C ALA B 210 -23.93 -4.40 -2.40
N ARG B 211 -24.09 -4.88 -3.62
CA ARG B 211 -24.32 -6.32 -3.85
C ARG B 211 -22.99 -7.10 -3.82
N LYS B 212 -23.03 -8.31 -3.26
CA LYS B 212 -21.84 -9.16 -3.18
C LYS B 212 -21.27 -9.45 -4.57
N GLY B 213 -19.97 -9.25 -4.72
CA GLY B 213 -19.31 -9.44 -6.01
C GLY B 213 -19.49 -8.28 -6.99
N LYS B 214 -20.03 -7.16 -6.50
CA LYS B 214 -20.24 -5.98 -7.34
C LYS B 214 -19.60 -4.73 -6.73
N TYR B 215 -19.16 -3.83 -7.61
CA TYR B 215 -18.55 -2.58 -7.19
C TYR B 215 -19.33 -1.41 -7.78
N GLY B 216 -19.00 -0.20 -7.34
CA GLY B 216 -19.55 0.99 -7.96
C GLY B 216 -18.67 1.35 -9.14
N ILE B 217 -19.28 1.73 -10.25
CA ILE B 217 -18.53 2.08 -11.45
C ILE B 217 -18.46 3.60 -11.57
N TYR B 218 -17.24 4.10 -11.70
CA TYR B 218 -16.98 5.54 -11.71
C TYR B 218 -16.38 5.97 -13.04
N THR B 219 -16.74 7.17 -13.48
CA THR B 219 -16.09 7.76 -14.63
C THR B 219 -14.68 8.15 -14.22
N LYS B 220 -13.71 7.72 -15.01
CA LYS B 220 -12.31 8.00 -14.71
C LYS B 220 -11.97 9.42 -15.14
N VAL B 221 -11.86 10.32 -14.17
CA VAL B 221 -11.69 11.73 -14.43
C VAL B 221 -10.33 12.08 -15.05
N THR B 222 -9.28 11.31 -14.75
CA THR B 222 -7.98 11.54 -15.40
C THR B 222 -8.07 11.55 -16.93
N ALA B 223 -8.88 10.65 -17.49
CA ALA B 223 -9.11 10.58 -18.93
C ALA B 223 -9.73 11.86 -19.52
N PHE B 224 -10.37 12.68 -18.67
CA PHE B 224 -11.14 13.82 -19.14
C PHE B 224 -10.68 15.19 -18.62
N LEU B 225 -9.53 15.23 -17.98
CA LEU B 225 -9.00 16.48 -17.44
C LEU B 225 -8.76 17.51 -18.55
N LYS B 226 -8.37 17.01 -19.71
CA LYS B 226 -8.06 17.87 -20.84
C LYS B 226 -9.37 18.38 -21.40
N TRP B 227 -10.36 17.51 -21.40
CA TRP B 227 -11.67 17.88 -21.92
C TRP B 227 -12.36 18.87 -20.98
N ILE B 228 -12.13 18.73 -19.68
CA ILE B 228 -12.75 19.61 -18.69
C ILE B 228 -12.22 21.03 -18.83
N ASP B 229 -10.91 21.16 -19.02
CA ASP B 229 -10.27 22.46 -19.20
C ASP B 229 -10.75 23.19 -20.44
N ARG B 230 -10.85 22.47 -21.56
CA ARG B 230 -11.35 23.09 -22.78
C ARG B 230 -12.77 23.59 -22.62
N SER B 231 -13.57 22.88 -21.83
CA SER B 231 -14.96 23.29 -21.58
C SER B 231 -15.02 24.47 -20.62
N MET B 232 -14.00 24.63 -19.79
CA MET B 232 -14.00 25.70 -18.81
C MET B 232 -13.34 26.96 -19.37
N LYS B 233 -12.48 26.76 -20.36
CA LYS B 233 -11.77 27.89 -20.97
C LYS B 233 -12.73 28.82 -21.72
N THR B 234 -13.83 28.28 -22.22
CA THR B 234 -14.84 29.06 -22.92
C THR B 234 -15.27 30.25 -22.06
N ARG B 235 -15.38 30.03 -20.76
CA ARG B 235 -15.91 31.03 -19.85
C ARG B 235 -17.29 31.44 -20.35
N GLY B 236 -17.74 32.64 -19.97
CA GLY B 236 -19.08 33.10 -20.31
C GLY B 236 -19.24 33.51 -21.76
N LEU B 237 -20.46 33.87 -22.14
CA LEU B 237 -20.75 34.22 -23.52
C LEU B 237 -19.96 35.42 -24.03
N PRO B 238 -19.73 35.46 -25.36
CA PRO B 238 -19.02 36.53 -26.07
C PRO B 238 -19.79 37.84 -26.05
CA GLN C 5 -0.35 -60.17 30.29
C GLN C 5 -0.90 -58.76 30.47
N CYS C 6 -2.16 -58.57 30.12
CA CYS C 6 -2.80 -57.26 30.17
C CYS C 6 -3.36 -56.92 31.55
N GLU C 7 -2.59 -57.25 32.59
N PRO C 10 -3.85 -51.45 32.60
CA PRO C 10 -2.49 -50.95 32.35
C PRO C 10 -2.50 -49.84 31.31
N CYS C 11 -3.71 -49.48 30.86
CA CYS C 11 -3.85 -48.45 29.84
C CYS C 11 -4.71 -47.29 30.35
N GLN C 12 -4.05 -46.20 30.72
CA GLN C 12 -4.77 -45.04 31.23
C GLN C 12 -5.78 -44.52 30.23
N ASN C 13 -6.69 -43.69 30.71
CA ASN C 13 -7.70 -43.09 29.86
C ASN C 13 -8.52 -44.14 29.10
N GLN C 14 -8.76 -45.25 29.77
CA GLN C 14 -9.68 -46.29 29.28
C GLN C 14 -9.27 -46.92 27.95
N GLY C 15 -7.97 -46.97 27.67
CA GLY C 15 -7.47 -47.61 26.46
C GLY C 15 -7.72 -49.11 26.47
N LYS C 16 -7.78 -49.70 25.28
CA LYS C 16 -8.02 -51.13 25.15
C LYS C 16 -6.71 -51.93 25.12
N CYS C 17 -6.52 -52.78 26.13
CA CYS C 17 -5.31 -53.60 26.23
C CYS C 17 -5.48 -54.97 25.59
N LYS C 18 -4.42 -55.46 24.94
CA LYS C 18 -4.45 -56.75 24.27
C LYS C 18 -3.39 -57.72 24.83
N ASP C 19 -3.86 -58.75 25.54
CA ASP C 19 -2.97 -59.73 26.16
C ASP C 19 -2.07 -60.40 25.13
N TYR C 24 2.12 -56.70 26.21
CA TYR C 24 0.76 -56.21 26.00
C TYR C 24 0.73 -55.09 24.98
N THR C 25 -0.45 -54.54 24.74
CA THR C 25 -0.63 -53.50 23.73
C THR C 25 -1.89 -52.69 24.02
N CYS C 26 -1.75 -51.38 24.03
CA CYS C 26 -2.90 -50.50 24.24
C CYS C 26 -3.35 -49.85 22.93
N THR C 27 -4.66 -49.84 22.72
CA THR C 27 -5.24 -49.05 21.65
C THR C 27 -5.96 -47.86 22.28
N CYS C 28 -5.52 -46.66 21.93
CA CYS C 28 -5.94 -45.48 22.68
C CYS C 28 -7.19 -44.80 22.14
N LEU C 29 -8.08 -44.41 23.06
CA LEU C 29 -9.22 -43.57 22.74
C LEU C 29 -8.68 -42.35 22.00
N GLU C 30 -9.50 -41.78 21.13
CA GLU C 30 -9.12 -40.56 20.45
C GLU C 30 -8.78 -39.53 21.52
N GLY C 31 -7.77 -38.70 21.25
CA GLY C 31 -7.33 -37.71 22.21
C GLY C 31 -6.21 -38.18 23.13
N PHE C 32 -5.78 -39.43 22.95
CA PHE C 32 -4.74 -39.99 23.79
C PHE C 32 -3.78 -40.87 23.00
N GLU C 33 -2.50 -40.79 23.34
CA GLU C 33 -1.48 -41.58 22.64
C GLU C 33 -0.41 -42.05 23.61
N GLY C 34 0.61 -42.69 23.05
CA GLY C 34 1.68 -43.27 23.84
C GLY C 34 1.47 -44.75 24.08
N LYS C 35 2.54 -45.45 24.40
CA LYS C 35 2.49 -46.88 24.68
C LYS C 35 1.39 -47.23 25.69
N ASN C 36 1.19 -46.35 26.67
CA ASN C 36 0.19 -46.56 27.71
C ASN C 36 -0.96 -45.56 27.68
N CYS C 37 -1.05 -44.80 26.59
CA CYS C 37 -2.11 -43.81 26.44
C CYS C 37 -2.00 -42.71 27.49
N GLU C 38 -0.77 -42.48 27.97
CA GLU C 38 -0.52 -41.50 29.02
C GLU C 38 -0.27 -40.09 28.46
N LEU C 39 -0.43 -39.92 27.16
CA LEU C 39 -0.14 -38.64 26.53
C LEU C 39 -1.37 -38.06 25.86
N PHE C 40 -1.64 -36.80 26.12
CA PHE C 40 -2.74 -36.10 25.48
C PHE C 40 -2.32 -35.83 24.04
N THR C 41 -3.23 -36.05 23.11
CA THR C 41 -3.00 -35.65 21.72
C THR C 41 -3.58 -34.26 21.54
N ARG C 42 -4.77 -34.04 22.09
CA ARG C 42 -5.33 -32.71 22.09
C ARG C 42 -4.33 -31.82 22.77
N LYS C 43 -4.06 -30.65 22.19
CA LYS C 43 -3.02 -29.79 22.71
C LYS C 43 -3.21 -28.38 22.24
N LEU C 44 -2.26 -27.52 22.56
CA LEU C 44 -2.33 -26.15 22.11
C LEU C 44 -1.07 -25.84 21.32
N CYS C 45 -1.02 -24.65 20.72
CA CYS C 45 0.04 -24.32 19.78
C CYS C 45 1.42 -24.26 20.43
N SER C 46 1.44 -24.17 21.75
CA SER C 46 2.70 -24.05 22.49
C SER C 46 3.44 -25.37 22.55
N LEU C 47 2.79 -26.45 22.16
CA LEU C 47 3.42 -27.77 22.12
C LEU C 47 3.32 -28.38 20.74
N ASP C 48 4.46 -28.76 20.18
CA ASP C 48 4.53 -29.34 18.84
C ASP C 48 3.80 -28.50 17.80
N ASN C 49 3.74 -27.20 18.02
CA ASN C 49 3.04 -26.30 17.12
C ASN C 49 1.66 -26.86 16.83
N GLY C 50 1.02 -27.41 17.86
CA GLY C 50 -0.34 -27.93 17.73
C GLY C 50 -0.47 -28.95 16.62
N ASP C 51 0.65 -29.50 16.18
CA ASP C 51 0.67 -30.50 15.11
C ASP C 51 0.38 -29.91 13.73
N CYS C 52 0.34 -28.58 13.66
CA CYS C 52 0.16 -27.89 12.39
C CYS C 52 1.46 -27.84 11.58
N ASP C 53 1.37 -27.98 10.27
CA ASP C 53 2.57 -27.89 9.46
C ASP C 53 3.01 -26.43 9.30
N GLN C 54 2.06 -25.51 9.33
CA GLN C 54 2.41 -24.09 9.25
C GLN C 54 1.81 -23.29 10.40
N PHE C 55 0.84 -22.43 10.11
CA PHE C 55 0.27 -21.60 11.16
C PHE C 55 -0.62 -22.40 12.13
N CYS C 56 -0.48 -22.07 13.41
CA CYS C 56 -1.33 -22.61 14.47
C CYS C 56 -1.92 -21.45 15.26
N HIS C 57 -3.18 -21.57 15.64
CA HIS C 57 -3.81 -20.60 16.54
C HIS C 57 -4.98 -21.27 17.25
N GLU C 58 -5.46 -20.64 18.32
CA GLU C 58 -6.45 -21.26 19.18
C GLU C 58 -7.86 -20.67 19.01
N GLU C 59 -8.84 -21.57 18.93
CA GLU C 59 -10.21 -21.15 18.65
C GLU C 59 -11.16 -21.87 19.60
N GLN C 60 -11.62 -21.15 20.62
CA GLN C 60 -12.48 -21.74 21.64
C GLN C 60 -11.75 -22.90 22.31
N ASN C 61 -10.56 -22.63 22.82
CA ASN C 61 -9.76 -23.67 23.45
C ASN C 61 -9.48 -24.83 22.49
N SER C 62 -9.45 -24.53 21.20
CA SER C 62 -9.27 -25.56 20.17
C SER C 62 -8.25 -25.17 19.09
N VAL C 63 -7.28 -26.04 18.85
CA VAL C 63 -6.27 -25.80 17.82
C VAL C 63 -6.86 -25.59 16.42
N VAL C 64 -6.35 -24.58 15.71
CA VAL C 64 -6.76 -24.34 14.32
C VAL C 64 -5.53 -24.05 13.45
N CYS C 65 -5.26 -24.96 12.52
CA CYS C 65 -4.12 -24.82 11.61
C CYS C 65 -4.50 -23.99 10.39
N SER C 66 -3.55 -23.21 9.89
CA SER C 66 -3.71 -22.54 8.61
C SER C 66 -2.41 -22.54 7.82
N CYS C 67 -2.47 -21.93 6.63
CA CYS C 67 -1.37 -22.00 5.69
C CYS C 67 -1.11 -20.64 5.05
N ALA C 68 0.14 -20.43 4.64
CA ALA C 68 0.53 -19.21 3.95
C ALA C 68 -0.08 -19.22 2.55
N ARG C 69 -0.31 -18.03 2.00
CA ARG C 69 -0.91 -17.96 0.67
C ARG C 69 -0.15 -18.82 -0.33
N GLY C 70 -0.88 -19.51 -1.19
CA GLY C 70 -0.24 -20.38 -2.16
C GLY C 70 -0.29 -21.83 -1.70
N TYR C 71 -0.69 -22.03 -0.45
CA TYR C 71 -0.93 -23.37 0.07
C TYR C 71 -2.41 -23.49 0.32
N THR C 72 -2.89 -24.72 0.42
CA THR C 72 -4.26 -24.96 0.84
C THR C 72 -4.21 -25.95 2.00
N LEU C 73 -5.09 -25.76 2.96
CA LEU C 73 -5.11 -26.64 4.12
C LEU C 73 -5.63 -28.01 3.73
N ALA C 74 -4.85 -29.04 3.99
CA ALA C 74 -5.26 -30.41 3.65
C ALA C 74 -6.54 -30.81 4.39
N ASP C 75 -7.04 -32.00 4.09
CA ASP C 75 -8.28 -32.47 4.70
C ASP C 75 -8.08 -32.84 6.17
N ASN C 76 -6.88 -33.31 6.51
CA ASN C 76 -6.57 -33.64 7.90
C ASN C 76 -6.45 -32.41 8.80
N GLY C 77 -6.66 -31.23 8.22
CA GLY C 77 -6.65 -29.99 8.97
C GLY C 77 -5.33 -29.63 9.61
N LYS C 78 -4.28 -30.38 9.28
CA LYS C 78 -2.94 -30.14 9.82
C LYS C 78 -1.96 -29.75 8.73
N ALA C 79 -1.95 -30.51 7.63
CA ALA C 79 -0.91 -30.35 6.61
C ALA C 79 -1.20 -29.21 5.63
N CYS C 80 -0.20 -28.86 4.84
CA CYS C 80 -0.34 -27.75 3.91
C CYS C 80 0.02 -28.17 2.48
N ILE C 81 -0.88 -27.87 1.54
CA ILE C 81 -0.75 -28.33 0.17
C ILE C 81 -0.36 -27.19 -0.78
N PRO C 82 0.80 -27.31 -1.43
CA PRO C 82 1.24 -26.34 -2.44
C PRO C 82 0.27 -26.30 -3.62
N THR C 83 0.11 -25.14 -4.22
CA THR C 83 -0.76 -24.99 -5.38
C THR C 83 0.04 -24.99 -6.67
N GLY C 84 1.36 -25.15 -6.56
CA GLY C 84 2.23 -25.18 -7.72
C GLY C 84 3.65 -25.56 -7.34
N PRO C 85 4.56 -25.55 -8.33
CA PRO C 85 5.98 -25.91 -8.16
C PRO C 85 6.77 -24.91 -7.32
N TYR C 86 6.24 -23.70 -7.12
CA TYR C 86 6.99 -22.70 -6.37
C TYR C 86 6.17 -22.07 -5.24
N PRO C 87 5.77 -22.88 -4.26
CA PRO C 87 5.02 -22.33 -3.14
C PRO C 87 5.97 -21.43 -2.35
N CYS C 88 5.44 -20.51 -1.55
CA CYS C 88 6.31 -19.60 -0.83
C CYS C 88 7.19 -20.36 0.16
N GLY C 89 8.41 -19.87 0.34
CA GLY C 89 9.27 -20.31 1.43
C GLY C 89 10.01 -21.62 1.25
N LYS C 90 9.97 -22.17 0.04
CA LYS C 90 10.65 -23.43 -0.25
C LYS C 90 11.79 -23.19 -1.23
N GLN C 91 13.00 -23.51 -0.79
CA GLN C 91 14.15 -23.49 -1.69
C GLN C 91 13.84 -24.27 -2.96
N THR C 92 14.19 -23.69 -4.11
CA THR C 92 13.92 -24.35 -5.39
C THR C 92 14.86 -25.53 -5.64
N LEU C 93 14.28 -26.68 -5.92
CA LEU C 93 15.02 -27.89 -6.31
C LEU C 93 15.30 -27.87 -7.80
N GLU C 94 14.32 -27.40 -8.58
CA GLU C 94 14.44 -27.33 -10.02
C GLU C 94 13.78 -26.08 -10.59
N ILE D 1 27.68 -9.48 2.99
CA ILE D 1 27.80 -10.33 4.18
C ILE D 1 29.26 -10.60 4.56
N VAL D 2 29.56 -10.43 5.84
CA VAL D 2 30.86 -10.82 6.38
C VAL D 2 30.71 -12.19 7.00
N GLY D 3 31.52 -13.14 6.55
CA GLY D 3 31.41 -14.52 7.03
C GLY D 3 30.40 -15.28 6.21
N GLY D 4 29.72 -16.24 6.83
CA GLY D 4 28.72 -17.03 6.14
C GLY D 4 29.27 -17.70 4.89
N GLN D 5 28.38 -18.20 4.04
CA GLN D 5 28.79 -18.90 2.84
C GLN D 5 28.09 -18.34 1.61
N GLU D 6 28.45 -18.83 0.44
CA GLU D 6 27.73 -18.50 -0.77
C GLU D 6 26.47 -19.37 -0.84
N CYS D 7 25.39 -18.82 -1.38
CA CYS D 7 24.16 -19.57 -1.54
C CYS D 7 24.30 -20.55 -2.70
N LYS D 8 24.02 -21.83 -2.44
CA LYS D 8 23.96 -22.80 -3.54
C LYS D 8 22.72 -22.55 -4.38
N ASP D 9 22.64 -23.26 -5.48
CA ASP D 9 21.46 -23.21 -6.33
C ASP D 9 20.17 -23.46 -5.56
N GLY D 10 19.22 -22.54 -5.73
CA GLY D 10 17.90 -22.68 -5.13
C GLY D 10 17.90 -22.47 -3.64
N GLU D 11 19.04 -22.10 -3.08
CA GLU D 11 19.15 -21.94 -1.63
C GLU D 11 18.58 -20.62 -1.13
N CYS D 12 18.61 -19.58 -1.95
CA CYS D 12 18.16 -18.25 -1.50
C CYS D 12 17.31 -17.58 -2.58
N PRO D 13 16.15 -18.17 -2.89
CA PRO D 13 15.43 -17.80 -4.12
C PRO D 13 14.67 -16.49 -3.99
N TRP D 14 14.40 -16.04 -2.76
CA TRP D 14 13.63 -14.82 -2.52
C TRP D 14 14.48 -13.56 -2.48
N GLN D 15 15.78 -13.70 -2.67
CA GLN D 15 16.66 -12.55 -2.72
C GLN D 15 16.38 -11.70 -3.95
N ALA D 16 16.15 -10.41 -3.74
CA ALA D 16 16.10 -9.47 -4.84
C ALA D 16 17.31 -8.56 -4.69
N LEU D 17 17.65 -7.84 -5.75
CA LEU D 17 18.74 -6.89 -5.71
C LEU D 17 18.34 -5.60 -6.41
N LEU D 18 18.36 -4.49 -5.67
CA LEU D 18 18.05 -3.21 -6.25
C LEU D 18 19.29 -2.65 -6.96
N ILE D 19 19.13 -2.33 -8.24
CA ILE D 19 20.25 -1.81 -9.03
C ILE D 19 19.95 -0.37 -9.45
N ASN D 20 20.97 0.47 -9.40
CA ASN D 20 20.79 1.88 -9.70
C ASN D 20 20.95 2.20 -11.18
N GLU D 21 21.05 3.47 -11.48
CA GLU D 21 21.15 3.98 -12.84
C GLU D 21 22.34 3.34 -13.56
N GLU D 22 23.45 3.16 -12.85
CA GLU D 22 24.65 2.61 -13.44
C GLU D 22 24.69 1.09 -13.34
N ASN D 23 23.52 0.48 -13.15
CA ASN D 23 23.42 -0.97 -13.00
C ASN D 23 24.27 -1.52 -11.87
N GLU D 24 24.46 -0.72 -10.83
CA GLU D 24 25.15 -1.14 -9.62
C GLU D 24 24.12 -1.56 -8.58
N GLY D 25 24.39 -2.65 -7.87
CA GLY D 25 23.54 -3.07 -6.77
C GLY D 25 23.85 -2.25 -5.53
N PHE D 26 22.83 -1.61 -4.95
CA PHE D 26 23.06 -0.75 -3.79
C PHE D 26 22.30 -1.21 -2.54
N CYS D 27 21.28 -2.04 -2.73
CA CYS D 27 20.49 -2.60 -1.64
C CYS D 27 19.85 -3.91 -2.07
N GLY D 28 19.52 -4.75 -1.09
CA GLY D 28 18.81 -5.98 -1.34
C GLY D 28 17.31 -5.82 -1.19
N GLY D 29 16.59 -6.91 -1.42
CA GLY D 29 15.14 -6.94 -1.22
C GLY D 29 14.67 -8.37 -1.04
N THR D 30 13.42 -8.55 -0.66
CA THR D 30 12.85 -9.87 -0.56
C THR D 30 11.66 -9.98 -1.51
N ILE D 31 11.61 -11.07 -2.29
CA ILE D 31 10.44 -11.34 -3.12
C ILE D 31 9.29 -11.84 -2.24
N LEU D 32 8.14 -11.21 -2.39
CA LEU D 32 6.95 -11.58 -1.62
C LEU D 32 5.93 -12.25 -2.52
N SER D 33 5.92 -11.85 -3.78
CA SER D 33 5.04 -12.46 -4.77
C SER D 33 5.45 -12.09 -6.19
N GLU D 34 4.62 -12.45 -7.16
CA GLU D 34 4.88 -12.13 -8.56
C GLU D 34 5.09 -10.64 -8.74
N PHE D 35 4.37 -9.84 -7.96
CA PHE D 35 4.39 -8.39 -8.17
C PHE D 35 5.08 -7.57 -7.07
N TYR D 36 5.38 -8.19 -5.93
CA TYR D 36 5.80 -7.40 -4.77
C TYR D 36 7.15 -7.75 -4.16
N ILE D 37 7.97 -6.73 -3.99
CA ILE D 37 9.25 -6.85 -3.32
C ILE D 37 9.25 -6.10 -1.99
N LEU D 38 9.77 -6.72 -0.93
CA LEU D 38 9.97 -6.04 0.33
C LEU D 38 11.40 -5.51 0.45
N THR D 39 11.56 -4.30 0.98
CA THR D 39 12.88 -3.73 1.18
C THR D 39 12.84 -2.67 2.29
N ALA D 40 13.97 -2.00 2.53
CA ALA D 40 14.05 -1.00 3.57
C ALA D 40 13.69 0.38 3.01
N ALA D 41 12.98 1.17 3.80
CA ALA D 41 12.62 2.53 3.40
C ALA D 41 13.83 3.39 3.03
N HIS D 42 14.90 3.30 3.82
CA HIS D 42 16.04 4.18 3.61
C HIS D 42 16.75 3.95 2.27
N CYS D 43 16.60 2.74 1.71
CA CYS D 43 17.20 2.42 0.42
C CYS D 43 16.65 3.28 -0.73
N LEU D 44 15.38 3.67 -0.63
CA LEU D 44 14.76 4.49 -1.68
C LEU D 44 15.45 5.83 -1.86
N TYR D 45 16.19 6.27 -0.84
CA TYR D 45 16.85 7.57 -0.89
C TYR D 45 18.30 7.48 -1.34
N GLN D 46 18.73 6.30 -1.80
CA GLN D 46 20.14 6.09 -2.08
C GLN D 46 20.41 5.81 -3.54
N ALA D 47 19.45 6.17 -4.38
CA ALA D 47 19.60 6.08 -5.82
C ALA D 47 18.44 6.83 -6.46
N LYS D 48 18.73 7.71 -7.42
CA LYS D 48 17.68 8.53 -8.01
C LYS D 48 16.69 7.70 -8.83
N ARG D 49 17.20 6.73 -9.58
CA ARG D 49 16.36 5.78 -10.30
C ARG D 49 16.88 4.37 -10.05
N PHE D 50 15.99 3.39 -9.95
CA PHE D 50 16.47 2.04 -9.73
C PHE D 50 15.54 0.97 -10.27
N LYS D 51 16.08 -0.21 -10.46
CA LYS D 51 15.30 -1.36 -10.87
C LYS D 51 15.55 -2.52 -9.91
N VAL D 52 14.80 -3.60 -10.09
CA VAL D 52 14.94 -4.78 -9.26
C VAL D 52 15.40 -5.95 -10.09
N ARG D 53 16.51 -6.56 -9.68
CA ARG D 53 17.00 -7.77 -10.31
C ARG D 53 16.74 -8.96 -9.41
N VAL D 54 16.17 -10.02 -9.98
CA VAL D 54 16.02 -11.29 -9.29
C VAL D 54 16.81 -12.38 -10.04
N GLY D 55 17.09 -13.48 -9.35
CA GLY D 55 17.70 -14.63 -9.97
C GLY D 55 19.18 -14.49 -10.19
N ASP D 56 19.75 -13.40 -9.68
CA ASP D 56 21.19 -13.19 -9.82
C ASP D 56 21.95 -13.90 -8.69
N ARG D 57 22.97 -14.68 -9.07
CA ARG D 57 23.79 -15.36 -8.09
C ARG D 57 25.22 -14.86 -8.17
N ASN D 58 25.57 -14.32 -9.33
CA ASN D 58 26.88 -13.70 -9.53
C ASN D 58 26.77 -12.44 -10.39
N THR D 59 27.10 -11.30 -9.80
CA THR D 59 26.93 -10.01 -10.49
C THR D 59 27.97 -9.77 -11.59
N GLU D 60 29.12 -10.43 -11.48
CA GLU D 60 30.19 -10.25 -12.47
C GLU D 60 29.85 -10.88 -13.82
N GLN D 61 29.37 -12.12 -13.80
CA GLN D 61 29.03 -12.83 -15.03
C GLN D 61 27.53 -12.82 -15.29
N GLU D 62 27.15 -12.77 -16.56
CA GLU D 62 25.76 -12.97 -16.96
C GLU D 62 25.48 -14.47 -16.98
N GLU D 63 25.24 -15.02 -15.81
CA GLU D 63 24.95 -16.44 -15.66
C GLU D 63 23.67 -16.82 -16.38
N GLY D 64 22.98 -15.82 -16.92
CA GLY D 64 21.68 -16.04 -17.53
C GLY D 64 20.68 -16.46 -16.47
N GLY D 65 19.42 -16.60 -16.85
CA GLY D 65 18.40 -16.98 -15.89
C GLY D 65 18.09 -15.88 -14.88
N GLU D 66 18.76 -14.73 -15.03
CA GLU D 66 18.41 -13.56 -14.24
C GLU D 66 17.42 -12.70 -15.00
N ALA D 67 16.69 -11.86 -14.27
CA ALA D 67 15.74 -10.95 -14.89
C ALA D 67 15.68 -9.63 -14.13
N VAL D 68 15.47 -8.55 -14.87
CA VAL D 68 15.40 -7.22 -14.29
C VAL D 68 14.00 -6.67 -14.42
N HIS D 69 13.45 -6.15 -13.33
CA HIS D 69 12.08 -5.66 -13.32
C HIS D 69 11.99 -4.17 -12.99
N GLU D 70 11.20 -3.44 -13.76
CA GLU D 70 10.93 -2.04 -13.47
C GLU D 70 9.93 -1.92 -12.34
N VAL D 71 10.09 -0.89 -11.52
CA VAL D 71 9.17 -0.62 -10.43
C VAL D 71 8.01 0.20 -10.94
N GLU D 72 6.80 -0.19 -10.56
CA GLU D 72 5.61 0.54 -10.96
C GLU D 72 5.27 1.52 -9.87
N VAL D 73 5.15 0.99 -8.65
CA VAL D 73 4.74 1.77 -7.51
C VAL D 73 5.67 1.52 -6.33
N VAL D 74 6.32 2.56 -5.84
CA VAL D 74 7.04 2.45 -4.58
C VAL D 74 6.11 2.89 -3.46
N ILE D 75 5.95 2.00 -2.48
CA ILE D 75 5.07 2.23 -1.34
C ILE D 75 5.93 2.27 -0.07
N LYS D 76 6.30 3.48 0.34
CA LYS D 76 7.10 3.65 1.54
C LYS D 76 6.20 3.82 2.74
N HIS D 77 6.56 3.21 3.86
CA HIS D 77 5.83 3.48 5.10
C HIS D 77 5.94 4.97 5.36
N ASN D 78 4.81 5.65 5.51
CA ASN D 78 4.87 7.09 5.67
C ASN D 78 5.40 7.51 7.04
N ARG D 79 5.48 6.58 7.99
CA ARG D 79 6.04 6.88 9.30
C ARG D 79 7.55 6.67 9.35
N PHE D 80 8.16 6.33 8.20
CA PHE D 80 9.61 6.18 8.16
C PHE D 80 10.28 7.44 8.68
N THR D 81 11.34 7.26 9.47
CA THR D 81 11.93 8.39 10.18
C THR D 81 13.45 8.39 10.05
N LYS D 82 13.92 9.17 9.08
CA LYS D 82 15.34 9.28 8.71
C LYS D 82 16.33 9.27 9.88
N GLU D 83 16.06 10.02 10.95
CA GLU D 83 17.04 10.10 12.02
C GLU D 83 17.13 8.84 12.90
N THR D 84 16.09 8.01 12.92
CA THR D 84 16.10 6.83 13.78
C THR D 84 16.03 5.51 13.00
N TYR D 85 15.54 5.57 11.76
CA TYR D 85 15.27 4.40 10.94
C TYR D 85 14.15 3.55 11.56
N ASP D 86 13.29 4.20 12.34
CA ASP D 86 12.06 3.57 12.78
C ASP D 86 11.18 3.42 11.55
N PHE D 87 10.40 2.36 11.48
CA PHE D 87 9.51 2.16 10.32
C PHE D 87 10.33 2.09 9.03
N ASP D 88 11.48 1.45 9.10
CA ASP D 88 12.36 1.30 7.93
C ASP D 88 11.88 0.12 7.09
N ILE D 89 10.86 0.38 6.30
CA ILE D 89 10.25 -0.66 5.49
C ILE D 89 9.57 -0.01 4.30
N ALA D 90 9.62 -0.70 3.17
CA ALA D 90 8.91 -0.28 1.96
C ALA D 90 8.55 -1.50 1.13
N VAL D 91 7.51 -1.35 0.33
CA VAL D 91 7.07 -2.39 -0.57
C VAL D 91 7.07 -1.83 -1.99
N LEU D 92 7.64 -2.60 -2.92
CA LEU D 92 7.63 -2.20 -4.32
C LEU D 92 6.66 -3.07 -5.11
N ARG D 93 5.82 -2.44 -5.92
CA ARG D 93 5.01 -3.19 -6.87
C ARG D 93 5.66 -3.08 -8.26
N LEU D 94 5.88 -4.22 -8.88
CA LEU D 94 6.58 -4.28 -10.15
C LEU D 94 5.64 -4.08 -11.34
N LYS D 95 6.19 -3.51 -12.42
CA LYS D 95 5.45 -3.32 -13.67
C LYS D 95 5.10 -4.66 -14.33
N THR D 96 6.03 -5.61 -14.30
CA THR D 96 5.78 -6.93 -14.87
C THR D 96 6.02 -8.05 -13.86
N PRO D 97 5.16 -9.06 -13.88
CA PRO D 97 5.24 -10.16 -12.91
C PRO D 97 6.55 -10.91 -13.02
N ILE D 98 7.09 -11.30 -11.87
CA ILE D 98 8.23 -12.18 -11.81
C ILE D 98 7.83 -13.59 -12.24
N THR D 99 8.67 -14.21 -13.05
CA THR D 99 8.51 -15.62 -13.36
C THR D 99 9.25 -16.49 -12.35
N PHE D 100 8.51 -17.16 -11.47
CA PHE D 100 9.17 -18.06 -10.53
C PHE D 100 9.83 -19.21 -11.29
N ARG D 101 11.06 -19.52 -10.89
CA ARG D 101 11.85 -20.54 -11.52
C ARG D 101 12.89 -20.97 -10.52
N MET D 102 13.90 -21.70 -10.99
CA MET D 102 15.04 -22.03 -10.14
C MET D 102 15.73 -20.74 -9.70
N ASN D 103 15.97 -20.63 -8.40
CA ASN D 103 16.63 -19.45 -7.85
C ASN D 103 15.76 -18.20 -7.77
N VAL D 104 14.46 -18.36 -8.00
CA VAL D 104 13.53 -17.23 -7.99
C VAL D 104 12.15 -17.63 -7.45
N ALA D 105 11.99 -17.51 -6.13
CA ALA D 105 10.74 -17.88 -5.45
C ALA D 105 10.50 -17.00 -4.23
N PRO D 106 9.23 -16.79 -3.88
CA PRO D 106 8.90 -15.86 -2.79
C PRO D 106 9.11 -16.52 -1.43
N ALA D 107 9.39 -15.72 -0.40
CA ALA D 107 9.40 -16.20 0.98
C ALA D 107 7.99 -16.07 1.55
N CYS D 108 7.71 -16.78 2.63
CA CYS D 108 6.36 -16.73 3.23
C CYS D 108 6.19 -15.60 4.23
N LEU D 109 5.08 -14.88 4.11
CA LEU D 109 4.65 -13.99 5.16
C LEU D 109 3.95 -14.84 6.21
N PRO D 110 4.42 -14.75 7.47
CA PRO D 110 3.80 -15.46 8.60
C PRO D 110 2.62 -14.70 9.18
N GLU D 111 1.68 -15.40 9.82
CA GLU D 111 0.67 -14.74 10.65
C GLU D 111 1.39 -14.09 11.82
N ARG D 112 0.97 -12.88 12.19
CA ARG D 112 1.65 -12.11 13.24
C ARG D 112 1.87 -12.84 14.56
N ASP D 113 0.78 -13.28 15.16
CA ASP D 113 0.82 -13.86 16.50
C ASP D 113 1.63 -15.16 16.53
N TRP D 114 1.42 -15.99 15.52
CA TRP D 114 2.16 -17.23 15.39
C TRP D 114 3.65 -16.97 15.20
N ALA D 115 3.98 -15.96 14.40
CA ALA D 115 5.38 -15.62 14.18
C ALA D 115 6.03 -15.17 15.49
N GLU D 116 5.30 -14.34 16.24
CA GLU D 116 5.75 -13.88 17.54
C GLU D 116 6.10 -15.03 18.49
N SER D 117 5.22 -16.02 18.57
CA SER D 117 5.42 -17.16 19.45
C SER D 117 6.39 -18.21 18.91
N THR D 118 6.43 -18.37 17.58
CA THR D 118 7.06 -19.54 16.96
C THR D 118 8.34 -19.28 16.16
N LEU D 119 8.47 -18.10 15.59
CA LEU D 119 9.66 -17.78 14.81
C LEU D 119 10.65 -16.91 15.58
N MET D 120 10.13 -15.91 16.29
CA MET D 120 10.96 -14.97 17.04
C MET D 120 11.60 -15.60 18.28
N THR D 121 11.09 -16.77 18.67
CA THR D 121 11.61 -17.49 19.83
C THR D 121 12.74 -18.45 19.47
N GLN D 122 13.01 -18.61 18.18
CA GLN D 122 14.04 -19.56 17.77
C GLN D 122 15.44 -19.03 18.06
N LYS D 123 16.45 -19.88 17.85
CA LYS D 123 17.81 -19.47 18.14
C LYS D 123 18.31 -18.50 17.10
N THR D 124 18.07 -18.83 15.84
CA THR D 124 18.75 -18.20 14.72
C THR D 124 17.82 -17.86 13.56
N GLY D 125 18.28 -16.97 12.71
CA GLY D 125 17.60 -16.63 11.46
C GLY D 125 18.65 -16.57 10.39
N ILE D 126 18.23 -16.47 9.13
CA ILE D 126 19.19 -16.36 8.05
C ILE D 126 19.06 -15.02 7.35
N VAL D 127 20.19 -14.36 7.17
CA VAL D 127 20.27 -13.09 6.47
C VAL D 127 21.10 -13.30 5.21
N SER D 128 20.82 -12.56 4.15
CA SER D 128 21.51 -12.76 2.88
C SER D 128 21.62 -11.48 2.07
N GLY D 129 22.55 -11.49 1.11
CA GLY D 129 22.72 -10.37 0.21
C GLY D 129 24.07 -10.33 -0.48
N PHE D 130 24.28 -9.29 -1.28
CA PHE D 130 25.51 -9.10 -2.05
C PHE D 130 26.40 -8.04 -1.44
N GLY D 131 26.10 -7.62 -0.21
CA GLY D 131 26.79 -6.50 0.40
C GLY D 131 28.26 -6.74 0.66
N ARG D 132 28.91 -5.75 1.25
CA ARG D 132 30.34 -5.81 1.53
C ARG D 132 30.71 -7.08 2.28
N THR D 133 31.90 -7.61 1.99
CA THR D 133 32.37 -8.84 2.62
C THR D 133 33.20 -8.55 3.87
N HIS D 134 33.58 -7.29 4.03
CA HIS D 134 34.23 -6.79 5.24
C HIS D 134 33.87 -5.32 5.41
N GLU D 135 33.85 -4.84 6.64
CA GLU D 135 33.61 -3.42 6.86
C GLU D 135 34.63 -2.64 6.03
N LYS D 136 35.89 -3.02 6.18
CA LYS D 136 36.95 -2.53 5.31
C LYS D 136 37.01 -3.46 4.10
N GLY D 137 36.38 -3.03 3.01
CA GLY D 137 36.29 -3.86 1.81
C GLY D 137 35.16 -3.44 0.89
N ARG D 138 34.96 -4.23 -0.17
CA ARG D 138 33.92 -3.90 -1.17
C ARG D 138 32.81 -4.93 -1.19
N GLN D 139 31.77 -4.64 -1.99
CA GLN D 139 30.60 -5.51 -2.09
C GLN D 139 30.86 -6.79 -2.89
N SER D 140 30.62 -7.94 -2.25
CA SER D 140 30.75 -9.23 -2.90
C SER D 140 30.07 -9.24 -4.26
N THR D 141 30.61 -10.03 -5.18
CA THR D 141 29.98 -10.20 -6.48
C THR D 141 29.07 -11.42 -6.40
N ARG D 142 29.21 -12.18 -5.33
CA ARG D 142 28.45 -13.42 -5.17
C ARG D 142 27.48 -13.33 -4.00
N LEU D 143 26.26 -13.81 -4.22
CA LEU D 143 25.23 -13.78 -3.18
C LEU D 143 25.62 -14.72 -2.05
N LYS D 144 25.67 -14.20 -0.82
CA LYS D 144 25.98 -15.02 0.33
C LYS D 144 24.83 -15.07 1.31
N MET D 145 24.94 -15.96 2.30
CA MET D 145 23.99 -16.03 3.39
C MET D 145 24.73 -16.30 4.69
N LEU D 146 24.05 -16.12 5.81
CA LEU D 146 24.70 -16.22 7.11
C LEU D 146 23.64 -16.52 8.16
N GLU D 147 23.89 -17.54 8.97
CA GLU D 147 23.03 -17.82 10.11
C GLU D 147 23.34 -16.86 11.25
N VAL D 148 22.34 -16.10 11.68
CA VAL D 148 22.55 -15.16 12.77
C VAL D 148 21.58 -15.41 13.92
N PRO D 149 22.11 -15.55 15.13
CA PRO D 149 21.31 -15.81 16.31
C PRO D 149 20.45 -14.60 16.63
N TYR D 150 19.28 -14.85 17.21
CA TYR D 150 18.46 -13.79 17.72
C TYR D 150 19.09 -13.32 19.05
N VAL D 151 19.11 -12.01 19.23
CA VAL D 151 19.68 -11.41 20.42
C VAL D 151 18.53 -10.80 21.20
N ASP D 152 18.45 -11.07 22.50
CA ASP D 152 17.32 -10.61 23.28
C ASP D 152 17.26 -9.08 23.34
N ARG D 153 16.06 -8.55 23.47
CA ARG D 153 15.88 -7.10 23.37
C ARG D 153 16.76 -6.31 24.33
N ASN D 154 16.83 -6.75 25.58
CA ASN D 154 17.65 -6.07 26.59
C ASN D 154 19.11 -5.97 26.18
N SER D 155 19.71 -7.11 25.88
CA SER D 155 21.06 -7.13 25.37
C SER D 155 21.17 -6.13 24.24
N CYS D 156 20.15 -6.12 23.40
CA CYS D 156 20.15 -5.34 22.17
C CYS D 156 20.26 -3.84 22.43
N LYS D 157 19.37 -3.30 23.26
CA LYS D 157 19.40 -1.88 23.57
C LYS D 157 20.71 -1.53 24.26
N LEU D 158 21.16 -2.42 25.15
CA LEU D 158 22.37 -2.21 25.93
C LEU D 158 23.60 -2.13 25.02
N SER D 159 23.60 -2.95 23.96
CA SER D 159 24.72 -3.02 23.04
C SER D 159 24.83 -1.77 22.18
N SER D 160 23.76 -0.99 22.13
CA SER D 160 23.61 0.02 21.09
C SER D 160 23.80 1.47 21.52
N SER D 161 24.51 2.23 20.69
CA SER D 161 24.70 3.64 20.91
C SER D 161 23.50 4.45 20.43
N PHE D 162 22.58 3.79 19.74
CA PHE D 162 21.38 4.46 19.23
C PHE D 162 20.09 3.76 19.66
N ILE D 163 18.99 4.49 19.59
CA ILE D 163 17.69 3.99 20.00
C ILE D 163 17.30 2.74 19.26
N ILE D 164 16.95 1.69 19.99
CA ILE D 164 16.31 0.52 19.41
C ILE D 164 14.83 0.58 19.71
N THR D 165 14.01 0.86 18.69
CA THR D 165 12.57 0.96 18.90
C THR D 165 11.96 -0.44 18.95
N GLN D 166 10.69 -0.51 19.37
CA GLN D 166 9.98 -1.78 19.39
C GLN D 166 9.85 -2.35 17.98
N ASN D 167 10.11 -1.53 16.97
CA ASN D 167 9.98 -1.96 15.58
C ASN D 167 11.30 -2.46 14.98
N MET D 168 12.30 -2.66 15.84
CA MET D 168 13.58 -3.21 15.40
C MET D 168 13.94 -4.38 16.31
N PHE D 169 14.81 -5.25 15.82
CA PHE D 169 15.41 -6.25 16.69
C PHE D 169 16.87 -6.49 16.32
N CYS D 170 17.60 -7.12 17.23
CA CYS D 170 19.03 -7.40 17.06
C CYS D 170 19.29 -8.85 16.66
N ALA D 171 20.31 -9.06 15.84
CA ALA D 171 20.71 -10.39 15.46
C ALA D 171 22.17 -10.37 15.06
N GLY D 172 22.86 -11.50 15.23
CA GLY D 172 24.26 -11.60 14.91
C GLY D 172 25.13 -12.09 16.07
N TYR D 173 26.39 -11.64 16.10
CA TYR D 173 27.34 -12.08 17.09
C TYR D 173 27.96 -10.92 17.87
N ASP D 174 28.44 -11.20 19.08
CA ASP D 174 29.11 -10.18 19.88
C ASP D 174 30.53 -9.95 19.36
N THR D 175 31.28 -11.02 19.20
CA THR D 175 32.70 -10.90 18.87
C THR D 175 33.09 -11.64 17.58
N LYS D 176 32.35 -12.68 17.23
CA LYS D 176 32.58 -13.42 15.99
C LYS D 176 32.53 -12.49 14.79
N GLN D 177 33.49 -12.62 13.88
CA GLN D 177 33.53 -11.75 12.70
C GLN D 177 32.54 -12.14 11.61
N GLU D 178 31.25 -12.14 11.95
CA GLU D 178 30.19 -12.43 11.01
C GLU D 178 28.99 -11.49 11.21
N ASP D 179 28.49 -10.93 10.12
CA ASP D 179 27.43 -9.93 10.20
C ASP D 179 27.03 -9.50 8.80
N ALA D 180 25.86 -8.88 8.69
CA ALA D 180 25.48 -8.22 7.45
C ALA D 180 26.37 -6.98 7.32
N CYS D 181 26.23 -6.25 6.22
CA CYS D 181 27.12 -5.12 5.99
C CYS D 181 26.50 -4.17 4.98
N GLN D 182 27.05 -2.97 4.87
CA GLN D 182 26.56 -2.01 3.89
C GLN D 182 26.44 -2.68 2.53
N GLY D 183 25.24 -2.65 1.97
CA GLY D 183 24.97 -3.33 0.71
C GLY D 183 23.94 -4.43 0.86
N ASP D 184 23.90 -5.06 2.04
CA ASP D 184 22.88 -6.06 2.34
C ASP D 184 21.59 -5.40 2.79
N SER D 185 21.69 -4.11 3.10
CA SER D 185 20.56 -3.30 3.51
C SER D 185 19.31 -3.50 2.64
N GLY D 186 18.16 -3.64 3.30
CA GLY D 186 16.90 -3.88 2.60
C GLY D 186 16.65 -5.36 2.35
N GLY D 187 17.69 -6.18 2.50
CA GLY D 187 17.62 -7.58 2.19
C GLY D 187 16.85 -8.45 3.17
N PRO D 188 16.70 -9.74 2.83
CA PRO D 188 15.87 -10.67 3.60
C PRO D 188 16.51 -11.10 4.91
N HIS D 189 15.70 -11.17 5.96
CA HIS D 189 16.03 -11.94 7.14
C HIS D 189 14.88 -12.93 7.30
N VAL D 190 15.19 -14.22 7.18
CA VAL D 190 14.17 -15.25 7.21
C VAL D 190 14.42 -16.29 8.30
N THR D 191 13.36 -16.90 8.80
CA THR D 191 13.46 -17.89 9.85
C THR D 191 12.76 -19.15 9.40
N ARG D 192 13.45 -20.29 9.49
CA ARG D 192 12.89 -21.58 9.08
C ARG D 192 11.96 -22.18 10.13
N PHE D 193 10.91 -22.83 9.67
CA PHE D 193 10.09 -23.66 10.54
C PHE D 193 9.55 -24.84 9.75
N LYS D 194 9.99 -26.05 10.12
CA LYS D 194 9.62 -27.25 9.38
C LYS D 194 9.88 -27.03 7.91
N ASP D 195 11.13 -26.69 7.57
CA ASP D 195 11.54 -26.66 6.17
C ASP D 195 10.85 -25.58 5.33
N THR D 196 10.21 -24.63 5.99
CA THR D 196 9.59 -23.50 5.29
C THR D 196 10.10 -22.17 5.83
N TYR D 197 10.53 -21.30 4.92
CA TYR D 197 11.14 -20.03 5.29
C TYR D 197 10.16 -18.87 5.31
N PHE D 198 10.14 -18.13 6.41
CA PHE D 198 9.22 -17.01 6.57
C PHE D 198 9.99 -15.72 6.79
N VAL D 199 9.47 -14.62 6.25
CA VAL D 199 10.07 -13.31 6.45
C VAL D 199 9.96 -12.88 7.91
N THR D 200 11.08 -12.51 8.51
CA THR D 200 11.10 -12.10 9.91
C THR D 200 11.82 -10.78 10.12
N GLY D 201 12.67 -10.38 9.17
CA GLY D 201 13.35 -9.11 9.25
C GLY D 201 13.83 -8.50 7.94
N ILE D 202 14.15 -7.22 8.01
CA ILE D 202 14.73 -6.48 6.90
C ILE D 202 16.03 -5.87 7.39
N VAL D 203 17.13 -6.14 6.70
CA VAL D 203 18.41 -5.55 7.05
C VAL D 203 18.23 -4.01 7.06
N SER D 204 18.55 -3.38 8.18
CA SER D 204 18.24 -1.96 8.35
C SER D 204 19.44 -1.07 8.65
N TRP D 205 20.15 -1.37 9.72
CA TRP D 205 21.34 -0.62 10.05
C TRP D 205 22.23 -1.31 11.09
N GLY D 206 23.42 -0.76 11.27
CA GLY D 206 24.37 -1.30 12.21
C GLY D 206 25.55 -0.37 12.33
N GLU D 207 26.18 -0.34 13.49
CA GLU D 207 27.39 0.43 13.69
C GLU D 207 28.59 -0.34 13.15
N GLY D 208 28.90 -0.14 11.88
CA GLY D 208 29.94 -0.91 11.21
C GLY D 208 29.50 -2.34 10.94
N CYS D 209 30.46 -3.19 10.58
CA CYS D 209 30.16 -4.59 10.30
C CYS D 209 31.00 -5.49 11.19
N ALA D 210 30.35 -6.45 11.83
CA ALA D 210 31.04 -7.42 12.67
C ALA D 210 31.90 -6.81 13.76
N ARG D 211 31.57 -5.61 14.22
CA ARG D 211 32.34 -4.97 15.28
C ARG D 211 32.02 -5.57 16.64
N LYS D 212 33.05 -5.67 17.48
CA LYS D 212 32.93 -6.23 18.82
C LYS D 212 31.96 -5.43 19.69
N GLY D 213 30.97 -6.11 20.26
CA GLY D 213 29.98 -5.44 21.09
C GLY D 213 28.89 -4.77 20.28
N LYS D 214 28.71 -5.21 19.04
CA LYS D 214 27.70 -4.66 18.16
C LYS D 214 26.94 -5.76 17.41
N TYR D 215 25.68 -5.50 17.10
CA TYR D 215 24.86 -6.43 16.34
C TYR D 215 24.30 -5.75 15.11
N GLY D 216 23.74 -6.56 14.20
CA GLY D 216 22.99 -6.03 13.08
C GLY D 216 21.60 -5.68 13.57
N ILE D 217 21.08 -4.54 13.10
CA ILE D 217 19.74 -4.09 13.48
C ILE D 217 18.78 -4.36 12.33
N TYR D 218 17.65 -4.97 12.65
CA TYR D 218 16.67 -5.39 11.64
C TYR D 218 15.30 -4.79 11.91
N THR D 219 14.59 -4.44 10.84
CA THR D 219 13.21 -4.06 10.97
C THR D 219 12.44 -5.30 11.39
N LYS D 220 11.65 -5.18 12.44
CA LYS D 220 10.85 -6.30 12.93
C LYS D 220 9.61 -6.45 12.07
N VAL D 221 9.66 -7.40 11.15
CA VAL D 221 8.60 -7.60 10.18
C VAL D 221 7.24 -7.90 10.85
N THR D 222 7.25 -8.59 11.98
CA THR D 222 5.99 -8.88 12.68
C THR D 222 5.12 -7.63 12.97
N ALA D 223 5.75 -6.52 13.30
CA ALA D 223 4.99 -5.29 13.57
C ALA D 223 4.29 -4.77 12.32
N PHE D 224 4.75 -5.24 11.16
CA PHE D 224 4.31 -4.68 9.89
C PHE D 224 3.54 -5.62 8.96
N LEU D 225 3.22 -6.81 9.44
CA LEU D 225 2.55 -7.78 8.61
C LEU D 225 1.22 -7.24 8.11
N LYS D 226 0.50 -6.57 9.00
CA LYS D 226 -0.77 -5.97 8.63
C LYS D 226 -0.52 -4.86 7.61
N TRP D 227 0.55 -4.09 7.79
CA TRP D 227 0.84 -3.00 6.88
C TRP D 227 1.21 -3.48 5.47
N ILE D 228 2.03 -4.53 5.41
CA ILE D 228 2.38 -5.17 4.14
C ILE D 228 1.14 -5.73 3.46
N ASP D 229 0.29 -6.37 4.26
CA ASP D 229 -0.96 -6.94 3.79
C ASP D 229 -1.82 -5.87 3.11
N ARG D 230 -1.97 -4.72 3.75
CA ARG D 230 -2.76 -3.62 3.17
C ARG D 230 -2.10 -3.03 1.94
N SER D 231 -0.78 -3.04 1.88
CA SER D 231 -0.07 -2.45 0.75
C SER D 231 -0.14 -3.36 -0.47
N MET D 232 -0.31 -4.66 -0.24
CA MET D 232 -0.35 -5.63 -1.33
C MET D 232 -1.77 -5.80 -1.86
N LYS D 233 -2.75 -5.40 -1.06
CA LYS D 233 -4.15 -5.53 -1.46
C LYS D 233 -4.53 -4.62 -2.62
N THR D 234 -3.87 -3.46 -2.73
CA THR D 234 -4.16 -2.54 -3.82
C THR D 234 -4.13 -3.24 -5.19
N ARG D 235 -3.28 -4.25 -5.33
CA ARG D 235 -2.99 -4.84 -6.63
C ARG D 235 -2.63 -3.73 -7.61
N GLY D 236 -2.89 -3.97 -8.90
CA GLY D 236 -2.57 -3.02 -9.95
C GLY D 236 -3.48 -1.81 -10.04
N LEU D 237 -3.18 -0.93 -10.99
CA LEU D 237 -3.94 0.29 -11.20
C LEU D 237 -5.42 0.04 -11.48
N PRO D 238 -6.27 0.98 -11.02
CA PRO D 238 -7.73 0.88 -11.17
C PRO D 238 -8.16 1.02 -12.63
C1 GOL E . -4.90 30.56 4.72
O1 GOL E . -5.68 29.74 5.56
C2 GOL E . -5.81 31.39 3.83
O2 GOL E . -6.48 30.57 2.90
C3 GOL E . -4.96 32.43 3.09
O3 GOL E . -5.70 32.94 2.00
C1 GOL F . 4.24 33.06 -8.53
O1 GOL F . 4.22 31.64 -8.53
C2 GOL F . 3.20 33.62 -9.51
O2 GOL F . 2.54 34.72 -8.93
C3 GOL F . 2.19 32.54 -9.89
O3 GOL F . 1.23 33.05 -10.78
C1 GOL G . -7.14 26.20 3.48
O1 GOL G . -6.16 27.16 3.84
C2 GOL G . -8.15 25.96 4.60
O2 GOL G . -7.91 26.80 5.70
C3 GOL G . -8.05 24.51 5.06
O3 GOL G . -6.69 24.19 5.21
C1 ENS H . -29.76 -0.28 -9.60
C2 ENS H . -25.58 4.72 -9.86
C3 ENS H . -24.30 4.48 -9.33
C4 ENS H . -26.65 3.85 -9.56
C5 ENS H . -23.02 2.90 -7.86
C6 ENS H . -23.43 1.76 -7.17
C7 ENS H . -24.14 3.37 -8.51
C8 ENS H . -25.16 2.52 -8.22
C9 ENS H . -26.46 2.72 -8.72
C10 ENS H . -27.69 1.39 -12.90
C11 ENS H . -29.46 0.75 -8.98
C12 ENS H . -28.27 1.43 -9.37
C13 ENS H . -30.08 1.05 -7.81
C14 ENS H . -26.39 0.26 -15.85
C15 ENS H . -30.89 1.87 -13.09
C16 ENS H . -30.42 1.53 -14.51
C17 ENS H . -23.84 -0.15 -18.39
C18 ENS H . -24.50 1.19 -18.75
C19 ENS H . -29.76 2.42 -12.19
C20 ENS H . -29.32 0.46 -14.51
C21 ENS H . -24.74 -0.73 -17.30
C22 ENS H . -25.17 1.63 -17.46
C23 ENS H . -28.65 1.39 -11.89
C24 ENS H . -31.70 0.77 -6.27
C25 ENS H . -27.16 1.44 -15.30
N26 ENS H . -30.09 -1.38 -10.32
N27 ENS H . -24.74 1.53 -7.40
N28 ENS H . -28.03 1.06 -14.20
N29 ENS H . -25.50 0.39 -16.80
N30 ENS H . -27.45 1.81 -8.44
N31 ENS H . -27.99 1.80 -10.66
O32 ENS H . -26.48 1.94 -12.64
O33 ENS H . -29.61 2.07 -7.03
O34 ENS H . -26.58 -0.94 -15.26
O35 ENS H . -31.02 0.29 -7.41
CL36 ENS H . -21.42 3.58 -7.90
CA CA I . -32.48 22.33 2.26
NA NA J . -20.52 -5.09 -2.11
O1 MES K . -10.75 8.55 -24.09
C2 MES K . -10.58 9.58 -23.11
C3 MES K . -9.75 10.77 -23.64
N4 MES K . -8.47 10.21 -24.02
C5 MES K . -8.39 8.91 -24.69
C6 MES K . -9.79 8.53 -25.14
C7 MES K . -7.22 10.93 -23.79
C8 MES K . -7.53 12.36 -23.39
S MES K . -6.10 13.13 -23.00
O1S MES K . -5.44 12.38 -21.91
O2S MES K . -5.21 13.18 -24.18
O3S MES K . -6.36 14.50 -22.53
C1 GOL L . -5.01 20.06 -15.47
O1 GOL L . -5.97 19.02 -15.57
C2 GOL L . -5.35 20.92 -14.27
O2 GOL L . -6.39 21.81 -14.63
C3 GOL L . -4.11 21.69 -13.82
O3 GOL L . -4.45 22.57 -12.75
C ACT M . -14.18 -6.58 1.15
O ACT M . -15.36 -6.45 1.56
OXT ACT M . -13.96 -6.19 -0.03
CH3 ACT M . -13.10 -7.17 2.01
C1 ENS N . 28.84 1.26 8.80
C2 ENS N . 23.33 -1.90 7.11
C3 ENS N . 23.02 -2.99 7.94
C4 ENS N . 24.62 -1.34 7.09
C5 ENS N . 24.03 -4.55 9.63
C6 ENS N . 25.33 -4.62 10.15
C7 ENS N . 24.03 -3.50 8.74
C8 ENS N . 25.30 -2.98 8.74
C9 ENS N . 25.64 -1.88 7.92
C10 ENS N . 24.66 2.55 9.01
C11 ENS N . 28.43 0.42 7.98
C12 ENS N . 27.09 -0.04 8.08
C13 ENS N . 29.31 -0.09 7.07
C14 ENS N . 22.99 4.25 11.27
C15 ENS N . 26.38 4.07 6.84
C16 ENS N . 25.41 5.09 7.44
C17 ENS N . 20.44 5.09 13.71
C18 ENS N . 19.82 5.52 12.38
C19 ENS N . 25.95 2.61 7.01
C20 ENS N . 25.28 4.95 8.96
C21 ENS N . 21.87 4.69 13.38
C22 ENS N . 20.61 4.75 11.32
C23 ENS N . 25.89 2.18 8.50
C24 ENS N . 31.33 -0.32 6.10
C25 ENS N . 23.01 4.23 9.76
N26 ENS N . 29.21 2.20 9.69
N27 ENS N . 26.10 -3.65 9.60
N28 ENS N . 24.35 3.86 9.28
N29 ENS N . 21.91 4.57 11.94
N30 ENS N . 26.89 -1.33 7.97
N31 ENS N . 26.08 0.73 8.64
O32 ENS N . 23.79 1.56 9.37
O33 ENS N . 28.98 -1.24 6.43
O34 ENS N . 24.17 4.08 11.93
O35 ENS N . 30.50 0.34 7.05
CL36 ENS N . 22.67 -5.58 10.03
CA CA O . 24.33 -11.93 -13.26
NA NA P . 30.57 -8.94 16.04
O1 MES Q . 4.07 0.57 15.28
C2 MES Q . 3.81 -0.10 14.04
C3 MES Q . 3.16 -1.47 14.23
N4 MES Q . 2.04 -1.31 15.15
C5 MES Q . 2.17 -0.48 16.33
C6 MES Q . 3.65 -0.14 16.44
C7 MES Q . 0.75 -1.97 14.89
C8 MES Q . 1.00 -3.41 14.43
S MES Q . -0.46 -4.17 14.10
O1S MES Q . -1.43 -3.89 15.19
O2S MES Q . -0.99 -3.64 12.83
O3S MES Q . -0.27 -5.62 14.02
C1 GOL R . 0.49 -14.49 5.77
O1 GOL R . 0.22 -15.36 4.68
C2 GOL R . -0.56 -13.40 5.88
O2 GOL R . -0.19 -12.31 5.06
C3 GOL R . -0.68 -12.92 7.32
O3 GOL R . 0.25 -11.88 7.56
C1 GOL S . 8.83 7.66 14.44
O1 GOL S . 8.98 6.80 15.55
C2 GOL S . 7.45 8.29 14.49
O2 GOL S . 6.73 7.74 15.57
C3 GOL S . 6.74 8.02 13.17
O3 GOL S . 5.41 8.47 13.23
C1 GOL T . 2.84 5.07 -3.11
O1 GOL T . 1.70 4.25 -3.07
C2 GOL T . 2.52 6.37 -3.86
O2 GOL T . 1.27 6.22 -4.50
C3 GOL T . 3.60 6.66 -4.89
O3 GOL T . 4.86 6.76 -4.27
C ACT U . 29.59 -14.50 19.92
O ACT U . 30.34 -13.72 19.30
OXT ACT U . 28.50 -14.03 20.33
CH3 ACT U . 29.98 -15.94 20.17
#